data_5EIH
#
_entry.id   5EIH
#
_cell.length_a   79.500
_cell.length_b   112.978
_cell.length_c   226.504
_cell.angle_alpha   90.00
_cell.angle_beta   90.00
_cell.angle_gamma   90.00
#
_symmetry.space_group_name_H-M   'P 21 21 21'
#
loop_
_entity.id
_entity.type
_entity.pdbx_description
1 polymer Acetylcholinesterase
2 non-polymer ~{N}-(2-azidoethyl)-1,2,3,4-tetrahydroacridin-9-amine
3 non-polymer 5-hept-6-ynyl-6-phenyl-phenanthridin-5-ium-3,8-diamine
4 non-polymer 'ACETATE ION'
5 non-polymer 'HEXAETHYLENE GLYCOL'
6 water water
#
_entity_poly.entity_id   1
_entity_poly.type   'polypeptide(L)'
_entity_poly.pdbx_seq_one_letter_code
;EGREDPQLLVRVRGGQLRGIRLKAPGGPVSAFLGIPFAEPPVGSRRFMPPEPKRPWSGVLDATTFQNVCYQYVDTLYPGF
EGTEMWNPNRELSEDCLYLNVWTPYPRPASPTPVLIWIYGGGFYSGAASLDVYDGRFLAQVEGAVLVSMNYRVGTFGFLA
LPGSREAPGNVGLLDQRLALQWVQENIAAFGGDPMSVTLFGESAGAASVGMHILSLPSRSLFHRAVLQSGTPNGPWATVS
AGEARRRATLLARLVGCPPGGAGGNDTELIACLRTRPAQDLVDHEWHVLPQESIFRFSFVPVVDGDFLSDTPEALINTGD
FQDLQVLVGVVKDEGSYFLVYGVPGFSKDNESLISRAQFLAGVRIGVPQASDLAAEAVVLHYTDWLHPEDPTHLRDAMSA
VVGDHNVVCPVAQLAGRLAAQGARVYAYIFEHRASTLTWPLWMGVPHGYEIEFIFGLPLDPSLNYTTEERIFAQRLMKYW
TNFARTGDPNDPRDSKSPQWPPYTTAAQQYVSLNLKPLEVRRGLRAQTCAFWNRFLPKLLSAT
;
_entity_poly.pdbx_strand_id   A,B
#
loop_
_chem_comp.id
_chem_comp.type
_chem_comp.name
_chem_comp.formula
ACT non-polymer 'ACETATE ION' 'C2 H3 O2 -1'
P6G non-polymer 'HEXAETHYLENE GLYCOL' 'C12 H26 O7'
PZ5 non-polymer 5-hept-6-ynyl-6-phenyl-phenanthridin-5-ium-3,8-diamine 'C26 H26 N3 1'
TZ2 non-polymer ~{N}-(2-azidoethyl)-1,2,3,4-tetrahydroacridin-9-amine 'C15 H17 N5'
#
# COMPACT_ATOMS: atom_id res chain seq x y z
N GLU A 1 -5.23 56.98 38.65
CA GLU A 1 -4.24 56.10 39.27
C GLU A 1 -3.80 56.72 40.58
N GLY A 2 -2.77 56.13 41.20
CA GLY A 2 -2.27 56.65 42.46
C GLY A 2 -2.20 55.61 43.54
N ARG A 3 -3.29 54.81 43.67
CA ARG A 3 -3.41 53.71 44.63
C ARG A 3 -3.28 52.36 43.94
N GLU A 4 -3.34 52.37 42.60
CA GLU A 4 -3.24 51.21 41.72
C GLU A 4 -1.85 50.52 41.78
N ASP A 5 -1.74 49.27 41.29
CA ASP A 5 -0.47 48.54 41.27
C ASP A 5 0.33 49.15 40.13
N PRO A 6 1.49 49.79 40.41
CA PRO A 6 2.25 50.43 39.32
C PRO A 6 2.70 49.48 38.22
N GLN A 7 2.77 48.18 38.48
CA GLN A 7 3.16 47.21 37.47
C GLN A 7 2.04 46.85 36.48
N LEU A 8 0.82 47.39 36.66
CA LEU A 8 -0.28 46.97 35.78
C LEU A 8 -0.75 48.07 34.86
N LEU A 9 -0.08 49.23 34.89
CA LEU A 9 -0.41 50.36 34.04
C LEU A 9 0.61 50.44 32.87
N VAL A 10 0.10 50.22 31.63
CA VAL A 10 0.84 50.18 30.38
C VAL A 10 0.08 50.98 29.36
N ARG A 11 0.80 51.75 28.54
CA ARG A 11 0.28 52.52 27.41
C ARG A 11 0.63 51.75 26.11
N VAL A 12 -0.32 51.77 25.16
CA VAL A 12 -0.21 51.22 23.80
C VAL A 12 -0.62 52.36 22.80
N ARG A 13 -0.50 52.14 21.45
CA ARG A 13 -0.76 53.17 20.42
C ARG A 13 -2.17 53.78 20.55
N GLY A 14 -3.13 52.94 20.97
CA GLY A 14 -4.52 53.30 21.17
C GLY A 14 -4.82 53.99 22.48
N GLY A 15 -3.95 53.82 23.47
CA GLY A 15 -4.14 54.47 24.76
C GLY A 15 -3.72 53.65 25.97
N GLN A 16 -4.18 54.05 27.18
CA GLN A 16 -3.82 53.37 28.40
C GLN A 16 -4.65 52.12 28.73
N LEU A 17 -3.98 51.14 29.33
CA LEU A 17 -4.56 49.88 29.72
C LEU A 17 -4.27 49.62 31.17
N ARG A 18 -5.18 48.90 31.83
CA ARG A 18 -4.97 48.42 33.19
C ARG A 18 -5.16 46.91 33.16
N GLY A 19 -4.11 46.21 33.54
CA GLY A 19 -4.13 44.77 33.59
C GLY A 19 -4.41 44.25 34.97
N ILE A 20 -4.26 42.93 35.13
CA ILE A 20 -4.52 42.22 36.37
C ILE A 20 -3.35 41.30 36.78
N ARG A 21 -3.04 41.31 38.09
CA ARG A 21 -2.02 40.45 38.70
C ARG A 21 -2.70 39.09 38.94
N LEU A 22 -2.36 38.10 38.13
CA LEU A 22 -2.93 36.75 38.24
C LEU A 22 -2.01 35.84 39.03
N LYS A 23 -2.58 34.80 39.64
CA LYS A 23 -1.77 33.84 40.38
C LYS A 23 -1.53 32.62 39.52
N ALA A 24 -0.26 32.25 39.40
CA ALA A 24 0.13 31.05 38.69
C ALA A 24 0.80 30.17 39.78
N PRO A 25 0.91 28.83 39.61
CA PRO A 25 1.50 28.01 40.70
C PRO A 25 2.80 28.54 41.31
N GLY A 26 3.75 28.96 40.48
CA GLY A 26 5.06 29.44 40.92
C GLY A 26 5.22 30.91 41.28
N GLY A 27 4.17 31.70 41.09
CA GLY A 27 4.22 33.14 41.40
C GLY A 27 3.28 33.97 40.55
N PRO A 28 3.33 35.31 40.67
CA PRO A 28 2.40 36.13 39.88
C PRO A 28 2.79 36.37 38.45
N VAL A 29 1.78 36.70 37.62
CA VAL A 29 1.92 37.05 36.21
C VAL A 29 1.07 38.31 35.89
N SER A 30 1.48 39.11 34.88
CA SER A 30 0.66 40.25 34.47
C SER A 30 -0.22 39.76 33.31
N ALA A 31 -1.51 40.05 33.37
CA ALA A 31 -2.39 39.73 32.25
C ALA A 31 -3.12 41.01 31.82
N PHE A 32 -3.21 41.22 30.50
CA PHE A 32 -3.89 42.35 29.87
C PHE A 32 -4.85 41.67 28.91
N LEU A 33 -6.08 41.46 29.39
CA LEU A 33 -7.11 40.71 28.65
C LEU A 33 -8.14 41.64 28.07
N GLY A 34 -8.61 41.33 26.85
CA GLY A 34 -9.63 42.14 26.21
C GLY A 34 -9.16 43.46 25.64
N ILE A 35 -7.91 43.52 25.16
CA ILE A 35 -7.39 44.73 24.52
C ILE A 35 -8.04 44.84 23.12
N PRO A 36 -8.69 45.96 22.74
CA PRO A 36 -9.22 46.04 21.36
C PRO A 36 -8.13 46.30 20.32
N PHE A 37 -8.11 45.51 19.24
CA PHE A 37 -7.14 45.71 18.16
C PHE A 37 -7.80 46.15 16.86
N ALA A 38 -9.14 46.15 16.82
CA ALA A 38 -9.90 46.56 15.64
C ALA A 38 -11.19 47.24 16.02
N GLU A 39 -11.73 48.01 15.07
CA GLU A 39 -13.04 48.63 15.20
C GLU A 39 -14.02 47.46 15.19
N PRO A 40 -15.02 47.41 16.13
CA PRO A 40 -15.95 46.27 16.13
C PRO A 40 -16.50 45.97 14.73
N PRO A 41 -16.32 44.74 14.18
CA PRO A 41 -16.73 44.49 12.79
C PRO A 41 -18.23 44.21 12.63
N VAL A 42 -19.03 45.19 13.06
CA VAL A 42 -20.49 45.12 13.11
C VAL A 42 -21.18 46.01 12.03
N GLY A 43 -22.49 45.83 11.86
CA GLY A 43 -23.31 46.56 10.91
C GLY A 43 -22.80 46.41 9.50
N SER A 44 -22.46 47.55 8.88
CA SER A 44 -21.96 47.68 7.51
C SER A 44 -20.57 47.07 7.37
N ARG A 45 -19.86 46.92 8.50
CA ARG A 45 -18.52 46.36 8.57
C ARG A 45 -18.50 44.84 8.58
N ARG A 46 -19.69 44.19 8.70
CA ARG A 46 -19.77 42.73 8.66
C ARG A 46 -19.31 42.25 7.27
N PHE A 47 -18.45 41.21 7.23
CA PHE A 47 -17.82 40.58 6.05
C PHE A 47 -16.67 41.39 5.48
N MET A 48 -16.46 42.61 6.00
CA MET A 48 -15.40 43.49 5.53
C MET A 48 -14.10 43.29 6.30
N PRO A 49 -12.93 43.59 5.66
CA PRO A 49 -11.65 43.52 6.39
C PRO A 49 -11.69 44.34 7.67
N PRO A 50 -10.91 43.95 8.71
CA PRO A 50 -10.89 44.74 9.94
C PRO A 50 -10.24 46.09 9.72
N GLU A 51 -10.73 47.08 10.47
CA GLU A 51 -10.20 48.43 10.47
C GLU A 51 -9.46 48.55 11.79
N PRO A 52 -8.24 49.15 11.84
CA PRO A 52 -7.55 49.32 13.14
C PRO A 52 -8.38 50.12 14.16
N LYS A 53 -8.38 49.69 15.45
CA LYS A 53 -9.12 50.33 16.54
C LYS A 53 -8.63 51.74 16.71
N ARG A 54 -9.57 52.72 16.72
CA ARG A 54 -9.25 54.12 16.89
C ARG A 54 -8.80 54.34 18.32
N PRO A 55 -7.91 55.30 18.61
CA PRO A 55 -7.52 55.51 20.03
C PRO A 55 -8.68 55.87 20.95
N TRP A 56 -8.61 55.45 22.22
CA TRP A 56 -9.62 55.75 23.24
C TRP A 56 -9.07 56.73 24.26
N SER A 57 -9.95 57.28 25.09
CA SER A 57 -9.52 58.20 26.14
C SER A 57 -9.57 57.45 27.49
N GLY A 58 -8.77 57.92 28.43
CA GLY A 58 -8.69 57.33 29.75
C GLY A 58 -8.03 55.95 29.78
N VAL A 59 -8.12 55.30 30.94
CA VAL A 59 -7.53 53.99 31.18
C VAL A 59 -8.55 52.90 30.91
N LEU A 60 -8.33 52.12 29.85
CA LEU A 60 -9.16 50.99 29.44
C LEU A 60 -8.93 49.82 30.41
N ASP A 61 -10.03 49.26 30.91
CA ASP A 61 -9.95 48.10 31.78
C ASP A 61 -9.71 46.83 30.95
N ALA A 62 -8.51 46.24 31.16
CA ALA A 62 -8.06 45.03 30.49
C ALA A 62 -7.79 43.90 31.54
N THR A 63 -8.77 43.66 32.43
CA THR A 63 -8.66 42.67 33.50
C THR A 63 -9.49 41.41 33.27
N THR A 64 -10.38 41.44 32.28
CA THR A 64 -11.28 40.32 31.95
C THR A 64 -11.24 40.01 30.44
N PHE A 65 -11.54 38.75 30.10
CA PHE A 65 -11.65 38.34 28.71
C PHE A 65 -12.86 39.01 28.10
N GLN A 66 -12.75 39.36 26.82
CA GLN A 66 -13.86 39.95 26.09
C GLN A 66 -14.72 38.92 25.35
N ASN A 67 -15.71 39.42 24.61
CA ASN A 67 -16.65 38.60 23.86
C ASN A 67 -15.99 37.63 22.92
N VAL A 68 -16.62 36.48 22.78
CA VAL A 68 -16.20 35.42 21.87
C VAL A 68 -16.92 35.74 20.55
N CYS A 69 -16.27 35.51 19.42
CA CYS A 69 -16.86 35.77 18.10
C CYS A 69 -18.10 34.90 17.85
N TYR A 70 -19.12 35.47 17.21
CA TYR A 70 -20.36 34.75 16.95
C TYR A 70 -20.12 33.41 16.24
N GLN A 71 -20.54 32.30 16.88
CA GLN A 71 -20.27 30.94 16.38
C GLN A 71 -21.27 29.91 16.86
N TYR A 72 -21.22 28.73 16.23
CA TYR A 72 -22.03 27.57 16.58
C TYR A 72 -21.58 27.04 17.94
N VAL A 73 -22.52 26.75 18.84
CA VAL A 73 -22.25 26.18 20.16
C VAL A 73 -22.72 24.71 20.16
N ASP A 74 -21.78 23.77 20.42
CA ASP A 74 -22.05 22.32 20.46
C ASP A 74 -22.96 22.00 21.63
N THR A 75 -24.07 21.31 21.34
CA THR A 75 -25.06 20.94 22.36
C THR A 75 -25.38 19.43 22.28
N LEU A 76 -24.58 18.73 21.44
CA LEU A 76 -24.58 17.30 21.17
C LEU A 76 -24.63 16.48 22.48
N TYR A 77 -23.60 16.63 23.35
CA TYR A 77 -23.47 15.93 24.61
C TYR A 77 -23.53 16.94 25.78
N PRO A 78 -24.74 17.36 26.22
CA PRO A 78 -24.85 18.35 27.31
C PRO A 78 -24.31 17.91 28.66
N GLY A 79 -23.49 18.78 29.25
CA GLY A 79 -22.86 18.55 30.56
C GLY A 79 -21.49 17.90 30.44
N PHE A 80 -21.20 17.33 29.23
CA PHE A 80 -19.99 16.59 28.91
C PHE A 80 -18.81 17.50 28.68
N GLU A 81 -17.81 17.35 29.55
CA GLU A 81 -16.54 18.08 29.56
C GLU A 81 -15.84 17.96 28.19
N GLY A 82 -15.87 16.76 27.59
CA GLY A 82 -15.27 16.47 26.29
C GLY A 82 -15.62 17.45 25.19
N THR A 83 -16.90 17.87 25.15
CA THR A 83 -17.38 18.85 24.18
C THR A 83 -17.41 20.27 24.76
N GLU A 84 -17.97 20.44 25.97
CA GLU A 84 -18.08 21.76 26.59
C GLU A 84 -16.76 22.48 26.90
N MET A 85 -15.60 21.80 26.93
CA MET A 85 -14.35 22.54 27.19
C MET A 85 -13.90 23.44 26.01
N TRP A 86 -14.47 23.19 24.84
CA TRP A 86 -14.16 23.90 23.60
C TRP A 86 -15.21 24.94 23.29
N ASN A 87 -16.34 24.90 24.01
CA ASN A 87 -17.48 25.78 23.84
C ASN A 87 -17.17 27.20 24.36
N PRO A 88 -17.80 28.27 23.79
CA PRO A 88 -17.49 29.64 24.26
C PRO A 88 -17.73 29.80 25.75
N ASN A 89 -16.81 30.53 26.43
CA ASN A 89 -16.83 30.79 27.86
C ASN A 89 -17.09 32.28 28.17
N ARG A 90 -17.39 33.07 27.14
CA ARG A 90 -17.78 34.47 27.25
C ARG A 90 -18.95 34.71 26.30
N GLU A 91 -19.56 35.89 26.35
CA GLU A 91 -20.71 36.19 25.52
C GLU A 91 -20.38 36.15 24.05
N LEU A 92 -21.30 35.63 23.26
CA LEU A 92 -21.17 35.60 21.80
C LEU A 92 -21.53 36.97 21.33
N SER A 93 -20.70 37.53 20.46
CA SER A 93 -20.92 38.84 19.91
C SER A 93 -20.10 39.02 18.65
N GLU A 94 -20.63 39.83 17.73
CA GLU A 94 -19.91 40.20 16.52
C GLU A 94 -18.79 41.16 16.86
N ASP A 95 -18.92 41.87 18.01
CA ASP A 95 -17.94 42.78 18.59
C ASP A 95 -17.02 41.87 19.42
N CYS A 96 -15.97 41.34 18.78
CA CYS A 96 -15.09 40.35 19.38
C CYS A 96 -13.60 40.48 19.06
N LEU A 97 -13.21 41.53 18.33
CA LEU A 97 -11.85 41.70 17.91
C LEU A 97 -11.01 42.36 19.03
N TYR A 98 -10.63 41.50 19.95
CA TYR A 98 -9.85 41.78 21.15
C TYR A 98 -8.71 40.75 21.26
N LEU A 99 -7.62 41.15 21.91
CA LEU A 99 -6.49 40.25 22.16
C LEU A 99 -6.09 40.23 23.64
N ASN A 100 -5.30 39.22 24.02
CA ASN A 100 -4.85 39.02 25.39
C ASN A 100 -3.33 38.93 25.42
N VAL A 101 -2.71 39.47 26.48
CA VAL A 101 -1.26 39.47 26.66
C VAL A 101 -0.96 39.00 28.09
N TRP A 102 -0.12 37.97 28.24
CA TRP A 102 0.39 37.52 29.54
C TRP A 102 1.90 37.76 29.50
N THR A 103 2.45 38.30 30.59
CA THR A 103 3.90 38.51 30.71
C THR A 103 4.29 38.19 32.13
N PRO A 104 5.58 37.95 32.38
CA PRO A 104 6.02 37.77 33.77
C PRO A 104 5.67 38.97 34.64
N TYR A 105 5.70 38.76 35.97
CA TYR A 105 5.43 39.82 36.93
C TYR A 105 6.52 39.89 37.99
N PRO A 106 7.26 41.01 38.13
CA PRO A 106 7.24 42.24 37.31
C PRO A 106 7.59 41.95 35.85
N ARG A 107 7.18 42.83 34.92
CA ARG A 107 7.49 42.69 33.49
C ARG A 107 8.98 42.58 33.21
N PRO A 108 9.40 41.76 32.21
CA PRO A 108 10.86 41.61 31.93
C PRO A 108 11.61 42.94 31.68
N ALA A 109 12.84 43.03 32.21
CA ALA A 109 13.72 44.19 32.04
C ALA A 109 14.33 44.29 30.62
N SER A 110 14.56 43.12 29.99
CA SER A 110 15.15 42.99 28.66
C SER A 110 14.13 42.36 27.70
N PRO A 111 14.16 42.71 26.39
CA PRO A 111 13.17 42.17 25.45
C PRO A 111 13.09 40.64 25.40
N THR A 112 11.89 40.13 25.62
CA THR A 112 11.56 38.72 25.70
C THR A 112 10.93 38.17 24.42
N PRO A 113 11.32 36.96 23.96
CA PRO A 113 10.63 36.37 22.80
C PRO A 113 9.12 36.25 23.04
N VAL A 114 8.35 36.58 21.98
CA VAL A 114 6.89 36.57 21.96
C VAL A 114 6.34 35.28 21.32
N LEU A 115 5.33 34.68 21.94
CA LEU A 115 4.63 33.53 21.38
C LEU A 115 3.20 34.00 21.13
N ILE A 116 2.75 33.91 19.86
CA ILE A 116 1.39 34.33 19.51
C ILE A 116 0.58 33.08 19.19
N TRP A 117 -0.52 32.84 19.96
CA TRP A 117 -1.41 31.71 19.79
C TRP A 117 -2.60 32.02 18.86
N ILE A 118 -2.85 31.13 17.87
CA ILE A 118 -3.98 31.21 16.93
C ILE A 118 -4.78 29.92 17.14
N TYR A 119 -5.92 29.99 17.83
CA TYR A 119 -6.74 28.80 18.10
C TYR A 119 -7.34 28.12 16.85
N GLY A 120 -7.76 26.85 17.01
CA GLY A 120 -8.48 26.07 16.01
C GLY A 120 -9.99 26.10 16.26
N GLY A 121 -10.72 25.24 15.54
CA GLY A 121 -12.18 25.11 15.63
C GLY A 121 -12.85 25.15 14.27
N GLY A 122 -12.17 24.52 13.30
CA GLY A 122 -12.56 24.35 11.91
C GLY A 122 -12.90 25.63 11.18
N PHE A 123 -12.39 26.79 11.66
CA PHE A 123 -12.69 28.13 11.10
C PHE A 123 -14.14 28.55 11.39
N TYR A 124 -14.88 27.78 12.23
CA TYR A 124 -16.28 28.10 12.56
C TYR A 124 -16.47 28.32 14.06
N SER A 125 -15.45 28.04 14.87
CA SER A 125 -15.55 28.14 16.31
C SER A 125 -14.21 28.44 16.91
N GLY A 126 -14.20 28.62 18.23
CA GLY A 126 -13.00 28.91 19.01
C GLY A 126 -13.04 30.27 19.68
N ALA A 127 -12.16 30.47 20.66
CA ALA A 127 -11.96 31.70 21.42
C ALA A 127 -10.58 31.62 22.08
N ALA A 128 -9.95 32.76 22.29
CA ALA A 128 -8.64 32.80 22.95
C ALA A 128 -8.78 32.76 24.50
N SER A 129 -10.01 32.83 24.98
CA SER A 129 -10.37 32.88 26.40
C SER A 129 -10.51 31.51 27.04
N LEU A 130 -10.45 30.42 26.24
CA LEU A 130 -10.63 29.05 26.73
C LEU A 130 -9.56 28.73 27.74
N ASP A 131 -9.91 27.92 28.76
CA ASP A 131 -8.99 27.48 29.81
C ASP A 131 -7.70 26.85 29.33
N VAL A 132 -7.75 25.99 28.26
CA VAL A 132 -6.55 25.33 27.71
C VAL A 132 -5.58 26.29 27.02
N TYR A 133 -5.99 27.54 26.76
CA TYR A 133 -5.14 28.54 26.10
C TYR A 133 -4.62 29.58 27.10
N ASP A 134 -4.68 29.28 28.41
CA ASP A 134 -4.23 30.17 29.47
C ASP A 134 -2.72 30.32 29.39
N GLY A 135 -2.26 31.54 29.10
CA GLY A 135 -0.84 31.83 28.95
C GLY A 135 -0.08 32.05 30.24
N ARG A 136 -0.76 31.94 31.40
CA ARG A 136 -0.15 32.23 32.71
C ARG A 136 1.04 31.33 33.05
N PHE A 137 0.99 30.04 32.69
CA PHE A 137 2.07 29.10 32.99
C PHE A 137 3.31 29.39 32.18
N LEU A 138 3.16 29.57 30.86
CA LEU A 138 4.28 29.89 29.96
C LEU A 138 4.97 31.20 30.35
N ALA A 139 4.19 32.21 30.76
CA ALA A 139 4.66 33.52 31.23
C ALA A 139 5.43 33.41 32.55
N GLN A 140 4.83 32.72 33.53
CA GLN A 140 5.42 32.51 34.86
C GLN A 140 6.67 31.63 34.84
N VAL A 141 6.56 30.42 34.29
CA VAL A 141 7.62 29.41 34.28
C VAL A 141 8.75 29.70 33.29
N GLU A 142 8.42 30.04 32.02
CA GLU A 142 9.41 30.23 30.97
C GLU A 142 9.76 31.69 30.66
N GLY A 143 9.18 32.63 31.41
CA GLY A 143 9.43 34.04 31.23
C GLY A 143 8.98 34.60 29.89
N ALA A 144 8.04 33.90 29.22
CA ALA A 144 7.51 34.24 27.90
C ALA A 144 6.54 35.38 27.96
N VAL A 145 6.40 36.06 26.81
CA VAL A 145 5.37 37.07 26.60
C VAL A 145 4.46 36.33 25.60
N LEU A 146 3.25 36.00 26.07
CA LEU A 146 2.28 35.26 25.29
C LEU A 146 1.08 36.14 24.91
N VAL A 147 0.78 36.17 23.58
CA VAL A 147 -0.31 36.92 22.97
C VAL A 147 -1.25 35.94 22.31
N SER A 148 -2.56 36.17 22.44
CA SER A 148 -3.63 35.37 21.79
C SER A 148 -4.73 36.31 21.36
N MET A 149 -5.27 36.13 20.18
CA MET A 149 -6.31 37.01 19.67
C MET A 149 -7.53 36.24 19.24
N ASN A 150 -8.68 36.92 19.27
CA ASN A 150 -9.93 36.40 18.72
C ASN A 150 -9.92 36.88 17.28
N TYR A 151 -10.39 36.04 16.39
CA TYR A 151 -10.52 36.33 14.98
C TYR A 151 -11.87 35.81 14.59
N ARG A 152 -12.52 36.48 13.62
CA ARG A 152 -13.85 36.10 13.16
C ARG A 152 -13.84 34.73 12.54
N VAL A 153 -14.87 33.95 12.88
CA VAL A 153 -15.07 32.57 12.41
C VAL A 153 -16.41 32.50 11.67
N GLY A 154 -16.64 31.38 10.99
CA GLY A 154 -17.86 31.10 10.24
C GLY A 154 -18.07 32.06 9.11
N THR A 155 -19.35 32.35 8.81
CA THR A 155 -19.75 33.30 7.77
C THR A 155 -19.10 34.66 8.04
N PHE A 156 -19.07 35.07 9.30
CA PHE A 156 -18.54 36.34 9.74
C PHE A 156 -17.09 36.56 9.39
N GLY A 157 -16.30 35.51 9.50
CA GLY A 157 -14.89 35.61 9.19
C GLY A 157 -14.51 35.12 7.81
N PHE A 158 -15.31 34.17 7.22
CA PHE A 158 -14.90 33.55 5.96
C PHE A 158 -15.98 33.47 4.84
N LEU A 159 -17.18 34.06 4.98
CA LEU A 159 -18.12 34.11 3.84
C LEU A 159 -17.53 35.07 2.80
N ALA A 160 -17.41 34.61 1.57
CA ALA A 160 -16.83 35.37 0.47
C ALA A 160 -17.65 35.35 -0.80
N LEU A 161 -17.70 36.50 -1.48
CA LEU A 161 -18.26 36.62 -2.84
C LEU A 161 -17.04 37.15 -3.61
N PRO A 162 -16.14 36.18 -4.03
CA PRO A 162 -14.82 36.58 -4.56
C PRO A 162 -14.87 37.56 -5.71
N GLY A 163 -14.15 38.65 -5.53
CA GLY A 163 -14.07 39.74 -6.50
C GLY A 163 -14.89 40.91 -6.04
N SER A 164 -15.79 40.69 -5.04
CA SER A 164 -16.60 41.78 -4.50
C SER A 164 -15.74 42.61 -3.55
N ARG A 165 -16.15 43.86 -3.31
CA ARG A 165 -15.47 44.79 -2.41
C ARG A 165 -15.96 44.59 -0.98
N GLU A 166 -17.29 44.31 -0.87
CA GLU A 166 -18.08 44.13 0.35
C GLU A 166 -17.86 42.82 1.11
N ALA A 167 -17.52 41.72 0.41
CA ALA A 167 -17.27 40.41 1.02
C ALA A 167 -16.14 39.70 0.24
N PRO A 168 -14.87 40.11 0.43
CA PRO A 168 -13.79 39.53 -0.40
C PRO A 168 -13.23 38.18 0.09
N GLY A 169 -13.65 37.76 1.28
CA GLY A 169 -13.18 36.56 1.95
C GLY A 169 -11.88 36.78 2.72
N ASN A 170 -11.50 35.77 3.53
CA ASN A 170 -10.28 35.70 4.33
C ASN A 170 -10.18 36.77 5.43
N VAL A 171 -11.29 37.47 5.74
CA VAL A 171 -11.26 38.58 6.71
C VAL A 171 -10.87 38.07 8.10
N GLY A 172 -11.22 36.81 8.42
CA GLY A 172 -10.81 36.20 9.68
C GLY A 172 -9.29 36.12 9.79
N LEU A 173 -8.61 35.90 8.66
CA LEU A 173 -7.15 35.83 8.59
C LEU A 173 -6.57 37.24 8.67
N LEU A 174 -7.31 38.23 8.17
CA LEU A 174 -6.90 39.63 8.24
C LEU A 174 -6.99 40.13 9.69
N ASP A 175 -7.96 39.62 10.47
CA ASP A 175 -8.09 39.94 11.88
C ASP A 175 -6.82 39.43 12.57
N GLN A 176 -6.39 38.20 12.22
CA GLN A 176 -5.17 37.61 12.77
C GLN A 176 -3.96 38.47 12.45
N ARG A 177 -3.82 38.89 11.18
CA ARG A 177 -2.74 39.75 10.70
C ARG A 177 -2.72 41.10 11.42
N LEU A 178 -3.92 41.67 11.67
CA LEU A 178 -4.06 42.94 12.37
C LEU A 178 -3.54 42.81 13.78
N ALA A 179 -3.83 41.68 14.45
CA ALA A 179 -3.35 41.38 15.79
C ALA A 179 -1.82 41.19 15.74
N LEU A 180 -1.26 40.63 14.62
CA LEU A 180 0.20 40.49 14.45
C LEU A 180 0.84 41.89 14.33
N GLN A 181 0.24 42.78 13.49
CA GLN A 181 0.67 44.18 13.31
CA GLN A 181 0.72 44.16 13.32
C GLN A 181 0.67 44.91 14.67
N TRP A 182 -0.37 44.66 15.49
CA TRP A 182 -0.52 45.25 16.82
C TRP A 182 0.66 44.84 17.71
N VAL A 183 1.07 43.55 17.64
CA VAL A 183 2.19 43.01 18.41
C VAL A 183 3.48 43.74 18.02
N GLN A 184 3.75 43.91 16.72
CA GLN A 184 4.93 44.63 16.20
C GLN A 184 5.02 46.04 16.78
N GLU A 185 3.87 46.74 16.83
CA GLU A 185 3.90 48.10 17.28
C GLU A 185 3.92 48.27 18.79
N ASN A 186 3.18 47.41 19.52
CA ASN A 186 2.99 47.62 20.94
C ASN A 186 3.58 46.63 21.90
N ILE A 187 4.03 45.42 21.47
CA ILE A 187 4.54 44.41 22.42
C ILE A 187 5.74 44.89 23.25
N ALA A 188 6.60 45.80 22.70
CA ALA A 188 7.74 46.34 23.45
C ALA A 188 7.30 47.05 24.72
N ALA A 189 6.06 47.55 24.77
CA ALA A 189 5.50 48.22 25.96
C ALA A 189 5.29 47.22 27.10
N PHE A 190 5.22 45.92 26.78
CA PHE A 190 5.00 44.82 27.72
C PHE A 190 6.32 44.08 28.03
N GLY A 191 7.38 44.47 27.34
CA GLY A 191 8.70 43.86 27.48
C GLY A 191 8.97 42.76 26.48
N GLY A 192 8.10 42.63 25.49
CA GLY A 192 8.24 41.64 24.43
C GLY A 192 9.16 42.15 23.35
N ASP A 193 9.88 41.25 22.70
CA ASP A 193 10.78 41.58 21.62
C ASP A 193 10.02 41.45 20.29
N PRO A 194 9.72 42.58 19.58
CA PRO A 194 8.98 42.44 18.29
C PRO A 194 9.82 41.74 17.22
N MET A 195 11.13 41.62 17.48
CA MET A 195 12.07 40.97 16.57
C MET A 195 12.21 39.47 16.79
N SER A 196 11.52 38.91 17.79
CA SER A 196 11.49 37.48 18.05
C SER A 196 10.05 37.09 18.34
N VAL A 197 9.28 36.93 17.27
CA VAL A 197 7.86 36.55 17.32
C VAL A 197 7.69 35.17 16.68
N THR A 198 7.16 34.22 17.46
CA THR A 198 6.84 32.86 17.01
C THR A 198 5.32 32.73 16.98
N LEU A 199 4.75 32.31 15.86
CA LEU A 199 3.29 32.05 15.80
C LEU A 199 3.12 30.58 16.15
N PHE A 200 2.10 30.25 16.93
CA PHE A 200 1.81 28.86 17.20
C PHE A 200 0.31 28.65 17.20
N GLY A 201 -0.11 27.57 16.57
CA GLY A 201 -1.52 27.30 16.49
C GLY A 201 -1.79 25.83 16.32
N GLU A 202 -3.04 25.44 16.57
CA GLU A 202 -3.45 24.06 16.42
C GLU A 202 -4.69 23.97 15.53
N SER A 203 -4.71 22.94 14.66
CA SER A 203 -5.79 22.63 13.73
C SER A 203 -6.06 23.80 12.77
N ALA A 204 -7.27 24.47 12.79
CA ALA A 204 -7.52 25.62 11.90
C ALA A 204 -6.57 26.76 12.24
N GLY A 205 -6.06 26.78 13.49
CA GLY A 205 -5.07 27.73 13.99
C GLY A 205 -3.72 27.52 13.32
N ALA A 206 -3.34 26.23 13.12
CA ALA A 206 -2.14 25.80 12.41
C ALA A 206 -2.30 26.07 10.92
N ALA A 207 -3.48 25.77 10.33
CA ALA A 207 -3.71 26.11 8.93
C ALA A 207 -3.51 27.62 8.81
N SER A 208 -4.07 28.42 9.78
CA SER A 208 -3.88 29.89 9.79
C SER A 208 -2.40 30.28 9.81
N VAL A 209 -1.58 29.66 10.68
CA VAL A 209 -0.13 29.90 10.79
C VAL A 209 0.54 29.64 9.43
N GLY A 210 0.18 28.52 8.79
CA GLY A 210 0.69 28.16 7.47
C GLY A 210 0.31 29.21 6.44
N MET A 211 -0.92 29.71 6.53
CA MET A 211 -1.37 30.72 5.59
C MET A 211 -0.66 32.08 5.77
N HIS A 212 -0.13 32.36 6.99
CA HIS A 212 0.68 33.54 7.23
C HIS A 212 2.07 33.34 6.64
N ILE A 213 2.61 32.08 6.63
CA ILE A 213 3.90 31.75 5.98
C ILE A 213 3.78 31.95 4.47
N LEU A 214 2.62 31.60 3.90
CA LEU A 214 2.36 31.66 2.46
C LEU A 214 1.85 32.99 1.94
N SER A 215 1.67 33.99 2.83
CA SER A 215 1.20 35.32 2.42
C SER A 215 2.22 36.36 2.80
N LEU A 216 2.90 36.97 1.78
CA LEU A 216 3.97 37.96 1.98
C LEU A 216 3.67 39.05 2.99
N PRO A 217 2.51 39.75 2.98
CA PRO A 217 2.31 40.84 3.98
C PRO A 217 2.36 40.38 5.43
N SER A 218 2.23 39.05 5.70
CA SER A 218 2.29 38.48 7.07
C SER A 218 3.70 38.12 7.47
N ARG A 219 4.53 37.75 6.49
CA ARG A 219 5.89 37.26 6.68
C ARG A 219 6.81 38.21 7.45
N SER A 220 6.58 39.52 7.34
CA SER A 220 7.37 40.55 8.05
C SER A 220 6.95 40.72 9.53
N LEU A 221 5.91 40.00 9.96
CA LEU A 221 5.30 40.13 11.28
C LEU A 221 5.67 39.02 12.26
N PHE A 222 6.46 38.03 11.81
CA PHE A 222 6.92 36.88 12.61
C PHE A 222 8.21 36.30 12.04
N HIS A 223 8.89 35.49 12.83
CA HIS A 223 10.19 34.92 12.51
C HIS A 223 10.21 33.39 12.50
N ARG A 224 9.30 32.76 13.27
CA ARG A 224 9.24 31.30 13.47
C ARG A 224 7.80 30.84 13.53
N ALA A 225 7.56 29.55 13.29
CA ALA A 225 6.19 29.03 13.30
C ALA A 225 6.04 27.60 13.85
N VAL A 226 4.94 27.35 14.53
CA VAL A 226 4.57 26.05 15.06
C VAL A 226 3.19 25.72 14.48
N LEU A 227 3.09 24.59 13.77
CA LEU A 227 1.86 24.10 13.15
C LEU A 227 1.52 22.77 13.81
N GLN A 228 0.57 22.83 14.76
CA GLN A 228 0.12 21.64 15.49
C GLN A 228 -1.15 21.07 14.86
N SER A 229 -1.09 19.82 14.39
CA SER A 229 -2.25 19.11 13.85
C SER A 229 -3.09 19.87 12.82
N GLY A 230 -2.44 20.63 11.94
CA GLY A 230 -3.08 21.42 10.89
C GLY A 230 -2.07 22.02 9.94
N THR A 231 -2.49 22.31 8.67
CA THR A 231 -1.64 22.81 7.57
C THR A 231 -2.45 23.68 6.59
N PRO A 232 -1.81 24.63 5.83
CA PRO A 232 -2.59 25.41 4.85
C PRO A 232 -3.07 24.55 3.66
N ASN A 233 -2.24 23.55 3.27
CA ASN A 233 -2.53 22.57 2.24
C ASN A 233 -3.49 21.53 2.85
N GLY A 234 -4.08 20.70 2.00
CA GLY A 234 -5.00 19.68 2.48
C GLY A 234 -6.42 19.85 2.00
N PRO A 235 -7.26 18.85 2.28
CA PRO A 235 -8.62 18.86 1.73
C PRO A 235 -9.64 19.84 2.34
N TRP A 236 -9.37 20.36 3.54
CA TRP A 236 -10.34 21.17 4.28
C TRP A 236 -10.00 22.63 4.57
N ALA A 237 -8.70 23.02 4.59
CA ALA A 237 -8.27 24.35 5.01
C ALA A 237 -8.63 25.47 4.06
N THR A 238 -8.82 25.17 2.77
CA THR A 238 -9.20 26.19 1.77
C THR A 238 -10.29 25.64 0.87
N VAL A 239 -10.84 26.55 0.05
CA VAL A 239 -11.85 26.33 -0.98
C VAL A 239 -11.46 27.24 -2.14
N SER A 240 -11.94 26.90 -3.33
CA SER A 240 -11.73 27.70 -4.52
C SER A 240 -12.66 28.92 -4.44
N ALA A 241 -12.40 29.94 -5.27
CA ALA A 241 -13.25 31.10 -5.38
C ALA A 241 -14.66 30.69 -5.85
N GLY A 242 -14.74 29.70 -6.73
CA GLY A 242 -15.98 29.14 -7.25
C GLY A 242 -16.82 28.48 -6.19
N GLU A 243 -16.19 27.62 -5.36
CA GLU A 243 -16.86 26.92 -4.28
C GLU A 243 -17.33 27.88 -3.17
N ALA A 244 -16.49 28.90 -2.79
CA ALA A 244 -16.88 29.92 -1.80
C ALA A 244 -18.05 30.75 -2.31
N ARG A 245 -18.09 31.05 -3.62
CA ARG A 245 -19.17 31.79 -4.25
C ARG A 245 -20.45 30.96 -4.19
N ARG A 246 -20.33 29.65 -4.46
CA ARG A 246 -21.48 28.75 -4.45
C ARG A 246 -22.12 28.69 -3.07
N ARG A 247 -21.27 28.52 -2.00
CA ARG A 247 -21.71 28.42 -0.63
C ARG A 247 -22.30 29.71 -0.08
N ALA A 248 -21.73 30.88 -0.45
CA ALA A 248 -22.24 32.17 0.01
C ALA A 248 -23.58 32.45 -0.62
N THR A 249 -23.71 32.11 -1.92
CA THR A 249 -24.94 32.29 -2.69
C THR A 249 -26.07 31.40 -2.13
N LEU A 250 -25.74 30.15 -1.73
CA LEU A 250 -26.69 29.19 -1.16
C LEU A 250 -27.14 29.67 0.22
N LEU A 251 -26.19 30.05 1.08
CA LEU A 251 -26.51 30.59 2.40
C LEU A 251 -27.45 31.80 2.28
N ALA A 252 -27.19 32.71 1.33
CA ALA A 252 -28.02 33.87 1.08
C ALA A 252 -29.45 33.41 0.82
N ARG A 253 -29.63 32.45 -0.12
CA ARG A 253 -30.92 31.86 -0.48
C ARG A 253 -31.64 31.33 0.77
N LEU A 254 -30.95 30.46 1.57
CA LEU A 254 -31.45 29.82 2.78
C LEU A 254 -31.99 30.79 3.84
N VAL A 255 -31.43 32.02 3.92
CA VAL A 255 -31.82 33.06 4.88
C VAL A 255 -32.77 34.17 4.29
N GLY A 256 -33.14 34.04 3.02
CA GLY A 256 -34.06 34.99 2.39
C GLY A 256 -33.46 36.09 1.52
N CYS A 257 -32.19 35.94 1.18
CA CYS A 257 -31.47 36.90 0.35
C CYS A 257 -31.40 36.44 -1.07
N PRO A 258 -32.13 37.15 -1.96
CA PRO A 258 -32.23 36.67 -3.34
C PRO A 258 -31.03 37.06 -4.23
N PRO A 259 -30.30 36.04 -4.77
CA PRO A 259 -29.16 36.34 -5.66
C PRO A 259 -29.62 36.79 -7.06
N ASN A 265 -25.93 40.75 -8.87
CA ASN A 265 -25.22 41.83 -8.17
C ASN A 265 -24.87 41.40 -6.74
N ASP A 266 -23.56 41.44 -6.41
CA ASP A 266 -23.03 41.06 -5.10
C ASP A 266 -23.40 42.10 -4.04
N THR A 267 -23.46 43.39 -4.42
CA THR A 267 -23.83 44.43 -3.46
C THR A 267 -25.18 44.13 -2.81
N GLU A 268 -26.23 43.93 -3.62
CA GLU A 268 -27.60 43.61 -3.21
C GLU A 268 -27.65 42.40 -2.23
N LEU A 269 -26.96 41.30 -2.60
CA LEU A 269 -26.86 40.05 -1.85
C LEU A 269 -26.18 40.26 -0.49
N ILE A 270 -24.97 40.90 -0.49
CA ILE A 270 -24.19 41.16 0.74
C ILE A 270 -24.96 42.12 1.63
N ALA A 271 -25.57 43.15 1.05
CA ALA A 271 -26.33 44.14 1.82
C ALA A 271 -27.44 43.43 2.63
N CYS A 272 -28.19 42.55 1.97
CA CYS A 272 -29.26 41.74 2.54
C CYS A 272 -28.68 40.82 3.64
N LEU A 273 -27.55 40.15 3.35
CA LEU A 273 -26.88 39.28 4.32
C LEU A 273 -26.51 40.09 5.56
N ARG A 274 -26.20 41.40 5.40
CA ARG A 274 -25.84 42.29 6.51
C ARG A 274 -27.03 42.67 7.40
N THR A 275 -28.25 42.45 6.92
CA THR A 275 -29.46 42.77 7.68
C THR A 275 -29.93 41.58 8.51
N ARG A 276 -29.34 40.40 8.25
CA ARG A 276 -29.74 39.18 8.91
C ARG A 276 -29.15 39.03 10.31
N PRO A 277 -29.98 38.64 11.31
CA PRO A 277 -29.44 38.46 12.67
C PRO A 277 -28.34 37.41 12.65
N ALA A 278 -27.24 37.64 13.38
CA ALA A 278 -26.10 36.71 13.45
C ALA A 278 -26.50 35.20 13.60
N GLN A 279 -27.50 34.90 14.45
CA GLN A 279 -27.96 33.54 14.71
C GLN A 279 -28.63 32.90 13.50
N ASP A 280 -29.30 33.69 12.63
CA ASP A 280 -29.90 33.16 11.38
C ASP A 280 -28.79 32.60 10.49
N LEU A 281 -27.65 33.31 10.39
CA LEU A 281 -26.49 32.91 9.61
C LEU A 281 -25.86 31.65 10.17
N VAL A 282 -25.74 31.56 11.50
CA VAL A 282 -25.19 30.38 12.19
C VAL A 282 -26.12 29.17 12.02
N ASP A 283 -27.46 29.36 12.14
CA ASP A 283 -28.46 28.31 11.99
C ASP A 283 -28.41 27.56 10.64
N HIS A 284 -27.89 28.22 9.58
CA HIS A 284 -27.81 27.63 8.23
C HIS A 284 -26.43 27.34 7.73
N GLU A 285 -25.42 27.74 8.48
CA GLU A 285 -24.01 27.56 8.15
C GLU A 285 -23.69 26.16 7.62
N TRP A 286 -24.15 25.12 8.31
CA TRP A 286 -23.85 23.74 7.97
C TRP A 286 -24.60 23.20 6.76
N HIS A 287 -25.66 23.87 6.33
CA HIS A 287 -26.49 23.43 5.21
C HIS A 287 -25.93 23.74 3.82
N VAL A 288 -24.71 24.29 3.70
CA VAL A 288 -24.14 24.64 2.39
C VAL A 288 -23.02 23.69 1.90
N LEU A 289 -22.63 22.66 2.71
CA LEU A 289 -21.57 21.70 2.32
C LEU A 289 -22.07 20.86 1.16
N PRO A 290 -21.22 20.62 0.13
CA PRO A 290 -21.71 19.95 -1.09
C PRO A 290 -22.07 18.48 -1.00
N GLN A 291 -21.58 17.77 0.02
CA GLN A 291 -21.80 16.33 0.22
C GLN A 291 -21.90 16.05 1.73
N GLU A 292 -22.43 14.86 2.08
CA GLU A 292 -22.48 14.39 3.46
C GLU A 292 -20.98 14.15 3.77
N SER A 293 -20.45 14.81 4.80
CA SER A 293 -19.02 14.74 5.10
C SER A 293 -18.66 14.96 6.56
N ILE A 294 -17.41 14.64 6.90
CA ILE A 294 -16.78 14.86 8.21
C ILE A 294 -15.44 15.52 7.88
N PHE A 295 -14.94 16.40 8.79
CA PHE A 295 -13.71 17.17 8.63
C PHE A 295 -13.79 18.14 7.42
N ARG A 296 -14.99 18.69 7.18
CA ARG A 296 -15.26 19.67 6.14
C ARG A 296 -16.08 20.78 6.77
N PHE A 297 -15.62 22.02 6.57
CA PHE A 297 -16.21 23.20 7.16
C PHE A 297 -16.68 24.15 6.06
N SER A 298 -17.86 24.78 6.27
CA SER A 298 -18.53 25.58 5.27
C SER A 298 -17.81 26.86 4.84
N PHE A 299 -17.39 27.69 5.80
CA PHE A 299 -16.71 28.95 5.52
C PHE A 299 -15.29 28.89 6.05
N VAL A 300 -14.35 28.72 5.12
CA VAL A 300 -12.92 28.56 5.41
C VAL A 300 -12.13 29.52 4.47
N PRO A 301 -10.81 29.72 4.64
CA PRO A 301 -10.09 30.59 3.72
C PRO A 301 -10.33 30.25 2.25
N VAL A 302 -10.46 31.29 1.42
CA VAL A 302 -10.67 31.16 -0.03
C VAL A 302 -9.36 31.46 -0.78
N VAL A 303 -9.11 30.75 -1.90
CA VAL A 303 -7.92 31.01 -2.73
C VAL A 303 -8.40 32.16 -3.62
N ASP A 304 -8.15 33.38 -3.15
CA ASP A 304 -8.65 34.61 -3.73
C ASP A 304 -7.74 35.29 -4.73
N GLY A 305 -6.49 34.84 -4.82
CA GLY A 305 -5.49 35.46 -5.68
C GLY A 305 -4.95 36.74 -5.03
N ASP A 306 -5.25 36.96 -3.73
CA ASP A 306 -4.83 38.13 -2.96
C ASP A 306 -4.12 37.67 -1.69
N PHE A 307 -4.87 37.31 -0.60
CA PHE A 307 -4.23 36.79 0.62
C PHE A 307 -3.44 35.51 0.22
N LEU A 308 -4.07 34.66 -0.60
CA LEU A 308 -3.44 33.48 -1.14
C LEU A 308 -3.35 33.71 -2.64
N SER A 309 -2.13 34.00 -3.14
CA SER A 309 -1.85 34.29 -4.53
C SER A 309 -2.13 33.11 -5.43
N ASP A 310 -1.99 31.90 -4.88
CA ASP A 310 -2.28 30.63 -5.53
C ASP A 310 -2.70 29.64 -4.43
N THR A 311 -3.02 28.40 -4.79
CA THR A 311 -3.46 27.39 -3.81
C THR A 311 -2.29 27.09 -2.84
N PRO A 312 -2.53 26.74 -1.55
CA PRO A 312 -1.41 26.40 -0.67
C PRO A 312 -0.49 25.29 -1.24
N GLU A 313 -1.04 24.31 -2.03
CA GLU A 313 -0.22 23.26 -2.66
CA GLU A 313 -0.28 23.24 -2.71
C GLU A 313 0.77 23.89 -3.66
N ALA A 314 0.31 24.83 -4.52
CA ALA A 314 1.17 25.53 -5.47
C ALA A 314 2.24 26.33 -4.74
N LEU A 315 1.85 27.05 -3.66
CA LEU A 315 2.77 27.91 -2.91
C LEU A 315 3.81 27.14 -2.12
N ILE A 316 3.45 25.96 -1.54
CA ILE A 316 4.41 25.15 -0.80
C ILE A 316 5.41 24.47 -1.75
N ASN A 317 5.01 24.19 -3.01
CA ASN A 317 5.89 23.55 -4.00
C ASN A 317 6.87 24.53 -4.64
N THR A 318 6.53 25.83 -4.69
CA THR A 318 7.36 26.81 -5.38
C THR A 318 8.07 27.82 -4.49
N GLY A 319 7.61 27.97 -3.25
CA GLY A 319 8.16 28.95 -2.32
C GLY A 319 9.59 28.70 -1.85
N ASP A 320 10.29 29.80 -1.51
CA ASP A 320 11.63 29.81 -0.93
C ASP A 320 11.44 30.01 0.58
N PHE A 321 11.77 28.97 1.37
CA PHE A 321 11.60 28.97 2.82
C PHE A 321 12.93 28.94 3.57
N GLN A 322 13.97 29.51 2.93
CA GLN A 322 15.34 29.62 3.36
C GLN A 322 15.55 30.07 4.81
N ASP A 323 15.07 31.26 5.17
CA ASP A 323 15.29 31.75 6.53
C ASP A 323 14.04 31.52 7.42
N LEU A 324 13.57 30.27 7.43
CA LEU A 324 12.39 29.88 8.19
C LEU A 324 12.62 28.65 9.06
N GLN A 325 12.22 28.75 10.34
CA GLN A 325 12.27 27.65 11.29
C GLN A 325 10.83 27.28 11.61
N VAL A 326 10.53 25.99 11.51
CA VAL A 326 9.18 25.46 11.66
C VAL A 326 9.19 24.21 12.53
N LEU A 327 8.25 24.15 13.48
CA LEU A 327 7.98 23.00 14.32
C LEU A 327 6.58 22.47 13.90
N VAL A 328 6.50 21.22 13.44
CA VAL A 328 5.26 20.61 12.96
C VAL A 328 5.00 19.30 13.66
N GLY A 329 3.73 18.92 13.74
CA GLY A 329 3.41 17.63 14.32
C GLY A 329 1.95 17.29 14.40
N VAL A 330 1.70 16.07 14.86
CA VAL A 330 0.39 15.42 14.92
C VAL A 330 0.19 14.71 16.24
N VAL A 331 -1.06 14.38 16.59
CA VAL A 331 -1.44 13.59 17.75
C VAL A 331 -1.69 12.16 17.24
N LYS A 332 -1.64 11.18 18.16
CA LYS A 332 -1.74 9.76 17.83
C LYS A 332 -3.03 9.42 17.07
N ASP A 333 -4.16 10.11 17.38
CA ASP A 333 -5.48 9.81 16.81
C ASP A 333 -6.24 11.02 16.33
N GLU A 334 -5.71 11.67 15.30
CA GLU A 334 -6.28 12.85 14.66
C GLU A 334 -7.76 12.74 14.27
N GLY A 335 -8.16 11.61 13.70
CA GLY A 335 -9.51 11.45 13.19
C GLY A 335 -10.57 10.89 14.10
N SER A 336 -10.20 10.36 15.27
CA SER A 336 -11.15 9.71 16.17
C SER A 336 -12.38 10.58 16.55
N TYR A 337 -12.17 11.87 16.88
CA TYR A 337 -13.26 12.79 17.21
C TYR A 337 -14.33 12.89 16.11
N PHE A 338 -13.88 13.09 14.86
CA PHE A 338 -14.73 13.33 13.70
C PHE A 338 -15.66 12.19 13.32
N LEU A 339 -15.37 10.98 13.83
CA LEU A 339 -16.16 9.80 13.54
C LEU A 339 -17.47 9.79 14.30
N VAL A 340 -17.47 10.27 15.57
CA VAL A 340 -18.64 10.29 16.44
C VAL A 340 -19.64 11.34 16.02
N TYR A 341 -19.15 12.24 15.20
CA TYR A 341 -19.86 13.35 14.63
C TYR A 341 -20.85 12.86 13.53
N GLY A 342 -20.34 12.35 12.39
CA GLY A 342 -21.18 11.94 11.27
C GLY A 342 -20.97 10.58 10.61
N VAL A 343 -20.21 9.67 11.24
CA VAL A 343 -20.08 8.32 10.67
C VAL A 343 -21.02 7.33 11.39
N PRO A 344 -22.02 6.76 10.68
CA PRO A 344 -22.94 5.82 11.34
C PRO A 344 -22.16 4.61 11.87
N GLY A 345 -22.46 4.26 13.11
CA GLY A 345 -21.84 3.14 13.79
C GLY A 345 -20.93 3.56 14.91
N PHE A 346 -20.57 4.87 14.91
CA PHE A 346 -19.65 5.48 15.87
C PHE A 346 -20.34 6.26 16.97
N SER A 347 -19.88 6.05 18.22
CA SER A 347 -20.40 6.72 19.42
C SER A 347 -19.31 6.87 20.48
N LYS A 348 -19.42 7.90 21.31
CA LYS A 348 -18.50 8.09 22.43
C LYS A 348 -18.90 7.14 23.57
N ASP A 349 -20.15 6.63 23.55
CA ASP A 349 -20.76 5.84 24.63
C ASP A 349 -20.68 4.30 24.45
N ASN A 350 -20.25 3.79 23.27
CA ASN A 350 -19.98 2.37 23.00
C ASN A 350 -18.59 2.23 22.40
N GLU A 351 -18.08 1.00 22.28
CA GLU A 351 -16.71 0.75 21.77
C GLU A 351 -16.54 0.94 20.24
N SER A 352 -17.63 1.30 19.56
CA SER A 352 -17.76 1.60 18.14
C SER A 352 -17.16 0.54 17.18
N LEU A 353 -17.40 -0.75 17.48
CA LEU A 353 -16.97 -1.86 16.60
C LEU A 353 -17.91 -1.90 15.42
N ILE A 354 -17.43 -1.47 14.27
CA ILE A 354 -18.21 -1.35 13.05
C ILE A 354 -18.06 -2.56 12.12
N SER A 355 -19.00 -2.71 11.18
CA SER A 355 -19.03 -3.77 10.16
C SER A 355 -18.31 -3.28 8.91
N ARG A 356 -17.98 -4.19 7.97
CA ARG A 356 -17.33 -3.84 6.71
C ARG A 356 -18.17 -2.82 5.92
N ALA A 357 -19.51 -3.03 5.82
CA ALA A 357 -20.42 -2.13 5.13
C ALA A 357 -20.34 -0.71 5.74
N GLN A 358 -20.29 -0.64 7.10
CA GLN A 358 -20.19 0.63 7.84
C GLN A 358 -18.86 1.32 7.53
N PHE A 359 -17.79 0.54 7.28
CA PHE A 359 -16.46 1.05 6.93
C PHE A 359 -16.45 1.64 5.50
N LEU A 360 -17.03 0.90 4.52
CA LEU A 360 -17.13 1.35 3.14
C LEU A 360 -17.97 2.66 3.08
N ALA A 361 -19.08 2.71 3.86
CA ALA A 361 -19.95 3.86 3.99
C ALA A 361 -19.21 5.03 4.63
N GLY A 362 -18.35 4.74 5.61
CA GLY A 362 -17.56 5.73 6.31
C GLY A 362 -16.50 6.37 5.44
N VAL A 363 -15.86 5.57 4.57
CA VAL A 363 -14.83 6.06 3.65
C VAL A 363 -15.42 7.13 2.70
N ARG A 364 -16.67 6.95 2.24
CA ARG A 364 -17.36 7.91 1.37
C ARG A 364 -17.63 9.23 2.08
N ILE A 365 -17.93 9.19 3.40
CA ILE A 365 -18.19 10.37 4.26
C ILE A 365 -16.84 11.04 4.64
N GLY A 366 -15.84 10.24 4.99
CA GLY A 366 -14.51 10.67 5.38
C GLY A 366 -13.67 11.20 4.24
N VAL A 367 -13.87 10.72 3.03
CA VAL A 367 -13.18 11.18 1.82
C VAL A 367 -14.32 11.60 0.84
N PRO A 368 -15.07 12.70 1.14
CA PRO A 368 -16.23 13.06 0.28
C PRO A 368 -15.94 13.40 -1.17
N GLN A 369 -14.69 13.81 -1.48
CA GLN A 369 -14.28 14.19 -2.84
CA GLN A 369 -14.22 14.17 -2.83
C GLN A 369 -13.90 12.95 -3.67
N ALA A 370 -13.79 11.77 -3.02
CA ALA A 370 -13.42 10.52 -3.69
C ALA A 370 -14.51 9.95 -4.57
N SER A 371 -14.08 9.55 -5.76
CA SER A 371 -14.84 8.87 -6.79
C SER A 371 -15.04 7.42 -6.34
N ASP A 372 -15.81 6.63 -7.09
CA ASP A 372 -15.99 5.23 -6.71
C ASP A 372 -14.66 4.49 -6.67
N LEU A 373 -13.80 4.72 -7.68
CA LEU A 373 -12.47 4.10 -7.79
C LEU A 373 -11.51 4.57 -6.70
N ALA A 374 -11.51 5.88 -6.42
CA ALA A 374 -10.63 6.44 -5.37
C ALA A 374 -11.02 5.92 -3.98
N ALA A 375 -12.32 5.76 -3.71
CA ALA A 375 -12.82 5.25 -2.44
C ALA A 375 -12.43 3.79 -2.27
N GLU A 376 -12.40 3.05 -3.38
CA GLU A 376 -11.99 1.65 -3.36
C GLU A 376 -10.49 1.52 -3.12
N ALA A 377 -9.69 2.44 -3.67
CA ALA A 377 -8.25 2.45 -3.44
C ALA A 377 -7.99 2.65 -1.94
N VAL A 378 -8.80 3.52 -1.26
CA VAL A 378 -8.70 3.80 0.17
C VAL A 378 -9.04 2.52 0.95
N VAL A 379 -10.16 1.91 0.60
CA VAL A 379 -10.68 0.70 1.24
C VAL A 379 -9.69 -0.45 1.12
N LEU A 380 -9.10 -0.65 -0.06
CA LEU A 380 -8.15 -1.73 -0.25
C LEU A 380 -6.80 -1.49 0.45
N HIS A 381 -6.45 -0.24 0.66
CA HIS A 381 -5.21 0.13 1.33
C HIS A 381 -5.29 -0.07 2.83
N TYR A 382 -6.43 0.35 3.41
CA TYR A 382 -6.69 0.31 4.84
C TYR A 382 -7.27 -0.98 5.35
N THR A 383 -7.68 -1.93 4.47
CA THR A 383 -8.15 -3.24 4.91
C THR A 383 -6.96 -4.08 5.32
N ASP A 384 -7.12 -4.91 6.37
CA ASP A 384 -6.16 -5.90 6.82
C ASP A 384 -6.71 -7.15 6.15
N TRP A 385 -6.09 -7.57 5.03
CA TRP A 385 -6.59 -8.68 4.22
C TRP A 385 -6.48 -10.05 4.90
N LEU A 386 -5.99 -10.07 6.14
CA LEU A 386 -5.97 -11.27 6.97
C LEU A 386 -7.25 -11.36 7.79
N HIS A 387 -7.72 -10.20 8.30
CA HIS A 387 -8.93 -10.05 9.13
C HIS A 387 -9.76 -8.90 8.51
N PRO A 388 -10.32 -9.09 7.28
CA PRO A 388 -11.03 -7.98 6.64
C PRO A 388 -12.38 -7.64 7.23
N GLU A 389 -12.92 -8.51 8.09
CA GLU A 389 -14.21 -8.35 8.74
C GLU A 389 -14.09 -7.97 10.23
N ASP A 390 -12.85 -7.93 10.77
CA ASP A 390 -12.58 -7.61 12.18
C ASP A 390 -13.04 -6.18 12.57
N PRO A 391 -14.05 -6.10 13.48
CA PRO A 391 -14.62 -4.80 13.84
C PRO A 391 -13.70 -3.81 14.49
N THR A 392 -12.70 -4.27 15.28
CA THR A 392 -11.73 -3.38 15.94
C THR A 392 -10.81 -2.83 14.88
N HIS A 393 -10.33 -3.69 13.95
CA HIS A 393 -9.48 -3.21 12.89
C HIS A 393 -10.20 -2.20 12.01
N LEU A 394 -11.46 -2.49 11.61
CA LEU A 394 -12.29 -1.62 10.77
C LEU A 394 -12.52 -0.27 11.44
N ARG A 395 -12.84 -0.28 12.76
CA ARG A 395 -12.99 0.92 13.58
C ARG A 395 -11.70 1.76 13.53
N ASP A 396 -10.54 1.14 13.80
CA ASP A 396 -9.26 1.84 13.83
C ASP A 396 -8.82 2.32 12.46
N ALA A 397 -9.13 1.53 11.39
CA ALA A 397 -8.84 1.89 9.99
C ALA A 397 -9.66 3.13 9.61
N MET A 398 -10.94 3.17 10.01
CA MET A 398 -11.81 4.33 9.81
C MET A 398 -11.22 5.61 10.46
N SER A 399 -10.68 5.52 11.69
CA SER A 399 -10.04 6.66 12.39
C SER A 399 -8.80 7.11 11.60
N ALA A 400 -7.99 6.13 11.14
CA ALA A 400 -6.76 6.35 10.38
C ALA A 400 -7.02 7.01 9.04
N VAL A 401 -8.06 6.61 8.30
CA VAL A 401 -8.39 7.22 7.02
C VAL A 401 -8.61 8.72 7.24
N VAL A 402 -9.51 9.07 8.15
CA VAL A 402 -9.83 10.46 8.49
C VAL A 402 -8.61 11.26 9.00
N GLY A 403 -7.86 10.68 9.94
CA GLY A 403 -6.68 11.34 10.49
C GLY A 403 -5.57 11.56 9.48
N ASP A 404 -5.27 10.50 8.68
CA ASP A 404 -4.25 10.52 7.65
C ASP A 404 -4.57 11.47 6.52
N HIS A 405 -5.80 11.37 5.99
CA HIS A 405 -6.26 12.16 4.85
C HIS A 405 -6.23 13.64 5.12
N ASN A 406 -6.73 14.05 6.30
CA ASN A 406 -6.89 15.42 6.75
C ASN A 406 -5.76 16.06 7.47
N VAL A 407 -4.95 15.27 8.22
CA VAL A 407 -3.88 15.87 9.02
C VAL A 407 -2.50 15.29 8.77
N VAL A 408 -2.30 13.98 9.03
CA VAL A 408 -0.97 13.35 9.03
C VAL A 408 -0.27 13.52 7.69
N CYS A 409 -0.97 13.25 6.59
CA CYS A 409 -0.33 13.31 5.28
C CYS A 409 -0.22 14.73 4.76
N PRO A 410 -1.19 15.65 4.97
CA PRO A 410 -0.90 17.06 4.69
C PRO A 410 0.33 17.58 5.49
N VAL A 411 0.46 17.19 6.80
CA VAL A 411 1.64 17.56 7.62
C VAL A 411 2.93 16.99 6.99
N ALA A 412 2.94 15.68 6.65
CA ALA A 412 4.08 14.99 6.02
C ALA A 412 4.52 15.68 4.72
N GLN A 413 3.53 16.10 3.92
CA GLN A 413 3.70 16.83 2.65
C GLN A 413 4.34 18.21 2.93
N LEU A 414 3.79 18.98 3.91
CA LEU A 414 4.33 20.27 4.30
C LEU A 414 5.77 20.19 4.78
N ALA A 415 6.06 19.26 5.71
CA ALA A 415 7.41 19.06 6.28
C ALA A 415 8.40 18.74 5.17
N GLY A 416 8.01 17.86 4.24
CA GLY A 416 8.82 17.49 3.08
C GLY A 416 9.14 18.67 2.17
N ARG A 417 8.11 19.45 1.77
CA ARG A 417 8.32 20.59 0.86
C ARG A 417 9.09 21.71 1.55
N LEU A 418 8.72 22.08 2.80
CA LEU A 418 9.47 23.09 3.55
C LEU A 418 10.96 22.68 3.69
N ALA A 419 11.22 21.41 4.06
CA ALA A 419 12.58 20.91 4.26
C ALA A 419 13.44 20.97 2.97
N ALA A 420 12.83 20.55 1.86
CA ALA A 420 13.41 20.53 0.54
C ALA A 420 13.69 21.94 0.02
N GLN A 421 12.93 22.94 0.51
CA GLN A 421 13.05 24.30 0.04
C GLN A 421 13.69 25.27 1.03
N GLY A 422 14.69 24.77 1.76
CA GLY A 422 15.51 25.56 2.68
C GLY A 422 15.10 25.79 4.12
N ALA A 423 14.00 25.23 4.58
CA ALA A 423 13.60 25.46 5.97
C ALA A 423 14.20 24.47 6.94
N ARG A 424 14.31 24.90 8.20
CA ARG A 424 14.74 24.07 9.31
C ARG A 424 13.41 23.61 9.88
N VAL A 425 13.09 22.32 9.67
CA VAL A 425 11.85 21.67 10.13
C VAL A 425 12.19 20.72 11.29
N TYR A 426 11.35 20.69 12.32
CA TYR A 426 11.38 19.77 13.47
C TYR A 426 9.96 19.17 13.46
N ALA A 427 9.84 17.85 13.49
CA ALA A 427 8.56 17.15 13.44
C ALA A 427 8.37 16.27 14.66
N TYR A 428 7.12 16.09 15.11
CA TYR A 428 6.82 15.25 16.26
C TYR A 428 5.53 14.47 16.06
N ILE A 429 5.31 13.47 16.94
CA ILE A 429 4.07 12.72 17.06
C ILE A 429 3.77 12.72 18.56
N PHE A 430 2.65 13.32 18.96
CA PHE A 430 2.27 13.40 20.37
C PHE A 430 1.41 12.18 20.67
N GLU A 431 1.90 11.30 21.58
CA GLU A 431 1.26 10.01 21.86
C GLU A 431 0.72 9.81 23.27
N HIS A 432 0.70 10.85 24.07
CA HIS A 432 0.22 10.74 25.43
C HIS A 432 -1.27 11.13 25.60
N ARG A 433 -2.06 10.18 26.10
CA ARG A 433 -3.47 10.38 26.39
C ARG A 433 -3.56 10.92 27.83
N ALA A 434 -4.21 12.10 28.01
CA ALA A 434 -4.36 12.71 29.34
C ALA A 434 -5.07 11.76 30.28
N SER A 435 -4.57 11.63 31.53
CA SER A 435 -5.16 10.77 32.55
C SER A 435 -6.59 11.23 32.89
N THR A 436 -6.85 12.53 32.69
CA THR A 436 -8.11 13.22 32.95
C THR A 436 -9.17 13.04 31.83
N LEU A 437 -8.77 12.58 30.61
CA LEU A 437 -9.61 12.47 29.40
C LEU A 437 -10.93 11.72 29.61
N THR A 438 -12.04 12.32 29.13
CA THR A 438 -13.41 11.81 29.30
C THR A 438 -13.98 11.17 28.03
N TRP A 439 -13.25 11.26 26.91
CA TRP A 439 -13.62 10.59 25.67
C TRP A 439 -13.28 9.11 25.86
N PRO A 440 -13.94 8.14 25.17
CA PRO A 440 -13.60 6.73 25.41
C PRO A 440 -12.17 6.40 24.99
N LEU A 441 -11.62 5.32 25.57
CA LEU A 441 -10.27 4.86 25.28
C LEU A 441 -9.99 4.56 23.82
N TRP A 442 -11.03 4.13 23.04
CA TRP A 442 -10.86 3.82 21.63
C TRP A 442 -10.44 5.04 20.83
N MET A 443 -10.85 6.24 21.29
CA MET A 443 -10.51 7.51 20.64
C MET A 443 -9.02 7.89 20.78
N GLY A 444 -8.29 7.17 21.65
CA GLY A 444 -6.88 7.39 21.93
C GLY A 444 -6.54 8.80 22.38
N VAL A 445 -5.61 9.45 21.65
CA VAL A 445 -5.21 10.84 21.88
C VAL A 445 -5.93 11.65 20.79
N PRO A 446 -7.17 12.19 21.01
CA PRO A 446 -7.84 12.94 19.93
C PRO A 446 -7.21 14.30 19.68
N HIS A 447 -7.61 14.94 18.54
CA HIS A 447 -7.23 16.28 18.08
CA HIS A 447 -7.08 16.24 18.17
C HIS A 447 -7.33 17.30 19.23
N GLY A 448 -6.28 18.08 19.49
CA GLY A 448 -6.28 19.12 20.48
C GLY A 448 -5.92 18.74 21.89
N TYR A 449 -5.73 17.44 22.17
CA TYR A 449 -5.48 17.04 23.57
C TYR A 449 -3.98 17.04 23.99
N GLU A 450 -3.15 17.77 23.22
CA GLU A 450 -1.76 18.03 23.53
C GLU A 450 -1.64 19.46 24.05
N ILE A 451 -2.60 20.35 23.66
CA ILE A 451 -2.61 21.77 23.96
C ILE A 451 -2.43 22.05 25.44
N GLU A 452 -3.20 21.36 26.31
CA GLU A 452 -3.12 21.55 27.77
C GLU A 452 -1.73 21.27 28.36
N PHE A 453 -0.94 20.37 27.72
CA PHE A 453 0.43 20.05 28.10
C PHE A 453 1.42 21.16 27.65
N ILE A 454 1.34 21.61 26.36
CA ILE A 454 2.16 22.69 25.79
C ILE A 454 1.96 23.97 26.64
N PHE A 455 0.69 24.31 26.98
CA PHE A 455 0.35 25.51 27.78
C PHE A 455 0.71 25.37 29.25
N GLY A 456 0.98 24.14 29.69
CA GLY A 456 1.41 23.85 31.05
C GLY A 456 0.34 23.76 32.11
N LEU A 457 -0.90 23.42 31.72
CA LEU A 457 -2.00 23.24 32.67
C LEU A 457 -1.67 22.19 33.75
N PRO A 458 -0.97 21.04 33.48
CA PRO A 458 -0.60 20.11 34.58
C PRO A 458 0.17 20.71 35.76
N LEU A 459 0.76 21.92 35.60
CA LEU A 459 1.46 22.60 36.67
C LEU A 459 0.53 23.11 37.77
N ASP A 460 -0.78 23.29 37.47
CA ASP A 460 -1.78 23.71 38.46
C ASP A 460 -2.16 22.45 39.27
N PRO A 461 -1.87 22.40 40.60
CA PRO A 461 -2.13 21.15 41.36
C PRO A 461 -3.60 20.77 41.49
N SER A 462 -4.49 21.77 41.40
CA SER A 462 -5.92 21.59 41.49
C SER A 462 -6.54 20.92 40.25
N LEU A 463 -5.75 20.72 39.17
CA LEU A 463 -6.29 20.14 37.94
C LEU A 463 -6.24 18.59 37.86
N ASN A 464 -5.72 17.95 38.92
CA ASN A 464 -5.73 16.49 39.10
C ASN A 464 -4.99 15.68 37.99
N TYR A 465 -3.87 16.22 37.45
CA TYR A 465 -2.98 15.50 36.52
C TYR A 465 -1.96 14.70 37.35
N THR A 466 -1.33 13.67 36.79
CA THR A 466 -0.29 12.88 37.50
C THR A 466 1.03 13.67 37.56
N THR A 467 1.95 13.25 38.46
CA THR A 467 3.27 13.88 38.61
C THR A 467 4.03 13.76 37.29
N GLU A 468 3.96 12.56 36.65
CA GLU A 468 4.60 12.21 35.38
C GLU A 468 4.20 13.25 34.34
N GLU A 469 2.88 13.57 34.29
CA GLU A 469 2.25 14.56 33.42
C GLU A 469 2.71 15.98 33.70
N ARG A 470 2.98 16.33 34.97
CA ARG A 470 3.47 17.65 35.38
C ARG A 470 4.91 17.82 34.86
N ILE A 471 5.78 16.80 35.00
CA ILE A 471 7.17 16.78 34.49
C ILE A 471 7.19 16.85 32.96
N PHE A 472 6.22 16.14 32.33
CA PHE A 472 6.07 16.06 30.88
C PHE A 472 5.66 17.39 30.31
N ALA A 473 4.71 18.09 30.98
CA ALA A 473 4.26 19.43 30.58
C ALA A 473 5.44 20.40 30.61
N GLN A 474 6.29 20.31 31.65
CA GLN A 474 7.46 21.18 31.81
C GLN A 474 8.44 20.98 30.64
N ARG A 475 8.54 19.73 30.17
CA ARG A 475 9.39 19.32 29.07
C ARG A 475 8.93 19.97 27.77
N LEU A 476 7.62 19.91 27.48
CA LEU A 476 7.01 20.47 26.27
C LEU A 476 7.05 21.98 26.25
N MET A 477 6.86 22.60 27.42
CA MET A 477 6.96 24.03 27.59
C MET A 477 8.39 24.47 27.24
N LYS A 478 9.42 23.69 27.65
CA LYS A 478 10.83 23.95 27.32
C LYS A 478 11.10 23.76 25.82
N TYR A 479 10.59 22.68 25.17
CA TYR A 479 10.77 22.49 23.72
C TYR A 479 10.23 23.72 22.94
N TRP A 480 8.96 24.07 23.20
CA TRP A 480 8.24 25.15 22.54
C TRP A 480 8.90 26.53 22.72
N THR A 481 9.31 26.87 23.95
CA THR A 481 9.93 28.16 24.27
C THR A 481 11.38 28.20 23.82
N ASN A 482 12.07 27.06 23.86
CA ASN A 482 13.43 26.98 23.34
C ASN A 482 13.36 27.22 21.83
N PHE A 483 12.35 26.62 21.14
CA PHE A 483 12.12 26.80 19.71
C PHE A 483 11.83 28.29 19.42
N ALA A 484 10.94 28.93 20.23
CA ALA A 484 10.60 30.36 20.06
C ALA A 484 11.84 31.22 20.21
N ARG A 485 12.71 30.89 21.19
CA ARG A 485 13.91 31.67 21.50
C ARG A 485 14.96 31.53 20.43
N THR A 486 15.24 30.30 20.00
CA THR A 486 16.40 29.98 19.18
C THR A 486 16.16 29.36 17.78
N GLY A 487 14.95 28.87 17.52
CA GLY A 487 14.65 28.17 16.28
C GLY A 487 15.01 26.70 16.36
N ASP A 488 15.40 26.20 17.57
CA ASP A 488 15.80 24.83 17.90
C ASP A 488 15.10 24.41 19.22
N PRO A 489 14.35 23.28 19.28
CA PRO A 489 13.65 22.91 20.54
C PRO A 489 14.57 22.37 21.61
N ASN A 490 15.83 22.08 21.26
CA ASN A 490 16.82 21.47 22.14
C ASN A 490 17.43 22.43 23.14
N ASP A 491 17.74 21.90 24.33
CA ASP A 491 18.38 22.67 25.41
C ASP A 491 19.90 22.60 25.19
N PRO A 492 20.60 23.74 24.97
CA PRO A 492 22.07 23.69 24.77
C PRO A 492 22.85 23.22 26.00
N ARG A 493 22.34 23.52 27.18
CA ARG A 493 23.03 23.13 28.40
C ARG A 493 22.98 21.65 28.62
N ASP A 494 21.84 21.09 28.30
CA ASP A 494 21.60 19.68 28.52
C ASP A 494 21.83 18.78 27.36
N SER A 495 23.07 18.33 27.19
CA SER A 495 23.40 17.39 26.14
C SER A 495 23.15 15.93 25.97
N LYS A 496 23.02 15.18 27.05
CA LYS A 496 23.18 13.74 27.05
C LYS A 496 21.70 13.48 26.88
N SER A 497 20.89 14.49 27.20
CA SER A 497 19.44 14.41 27.05
C SER A 497 19.25 14.13 25.59
N PRO A 498 18.35 13.13 25.28
CA PRO A 498 18.25 12.87 23.83
C PRO A 498 17.97 14.09 23.03
N GLN A 499 18.57 14.19 21.86
CA GLN A 499 18.37 15.34 21.03
C GLN A 499 17.28 15.13 20.01
N TRP A 500 16.73 16.23 19.54
CA TRP A 500 15.63 16.25 18.60
C TRP A 500 16.27 16.65 17.25
N PRO A 501 16.43 15.69 16.30
CA PRO A 501 17.04 16.04 15.01
C PRO A 501 16.08 16.80 14.10
N PRO A 502 16.58 17.73 13.27
CA PRO A 502 15.67 18.35 12.29
C PRO A 502 15.15 17.29 11.30
N TYR A 503 13.90 17.46 10.81
CA TYR A 503 13.31 16.63 9.79
C TYR A 503 13.93 17.04 8.47
N THR A 504 14.38 16.06 7.71
CA THR A 504 15.02 16.23 6.40
C THR A 504 14.36 15.30 5.40
N THR A 505 14.50 15.60 4.10
CA THR A 505 13.93 14.76 3.04
C THR A 505 14.64 13.42 2.96
N ALA A 506 15.96 13.41 3.21
CA ALA A 506 16.77 12.19 3.21
C ALA A 506 16.43 11.24 4.36
N ALA A 507 16.56 11.70 5.62
CA ALA A 507 16.39 10.89 6.83
C ALA A 507 14.96 10.85 7.41
N GLN A 508 14.09 11.76 7.01
CA GLN A 508 12.69 11.86 7.44
C GLN A 508 12.45 11.65 8.97
N GLN A 509 13.38 12.17 9.79
CA GLN A 509 13.35 12.01 11.24
C GLN A 509 12.36 12.91 11.98
N TYR A 510 11.67 12.32 12.95
CA TYR A 510 10.73 12.97 13.85
C TYR A 510 10.85 12.29 15.19
N VAL A 511 10.30 12.89 16.25
CA VAL A 511 10.40 12.33 17.59
C VAL A 511 9.02 11.99 18.16
N SER A 512 9.00 11.16 19.20
CA SER A 512 7.76 10.85 19.89
C SER A 512 7.71 11.63 21.19
N LEU A 513 6.61 12.36 21.38
CA LEU A 513 6.36 13.13 22.59
C LEU A 513 5.35 12.33 23.40
N ASN A 514 5.86 11.64 24.42
CA ASN A 514 5.12 10.81 25.37
C ASN A 514 5.85 10.90 26.70
N LEU A 515 5.41 10.13 27.71
CA LEU A 515 6.02 10.14 29.04
C LEU A 515 7.46 9.64 29.08
N LYS A 516 7.85 8.80 28.11
CA LYS A 516 9.20 8.25 28.01
C LYS A 516 10.13 9.32 27.40
N PRO A 517 11.48 9.26 27.59
CA PRO A 517 12.34 10.28 26.95
C PRO A 517 12.22 10.24 25.43
N LEU A 518 12.54 11.36 24.73
CA LEU A 518 12.49 11.46 23.26
C LEU A 518 13.04 10.23 22.56
N GLU A 519 12.27 9.72 21.60
CA GLU A 519 12.65 8.60 20.76
C GLU A 519 12.57 9.12 19.32
N VAL A 520 13.64 8.89 18.54
CA VAL A 520 13.74 9.34 17.16
C VAL A 520 13.22 8.22 16.26
N ARG A 521 12.29 8.56 15.39
CA ARG A 521 11.66 7.65 14.42
C ARG A 521 11.90 8.20 13.01
N ARG A 522 11.83 7.32 12.00
CA ARG A 522 12.07 7.67 10.59
C ARG A 522 10.84 7.40 9.74
N GLY A 523 10.47 8.41 8.94
CA GLY A 523 9.37 8.35 8.00
C GLY A 523 8.03 8.51 8.69
N LEU A 524 7.37 9.64 8.41
CA LEU A 524 6.09 9.94 8.99
C LEU A 524 5.02 9.27 8.17
N ARG A 525 4.62 8.06 8.59
CA ARG A 525 3.60 7.25 7.89
C ARG A 525 3.89 7.25 6.36
N ALA A 526 5.19 7.14 6.00
CA ALA A 526 5.73 7.22 4.63
C ALA A 526 4.96 6.41 3.55
N GLN A 527 4.75 5.07 3.69
CA GLN A 527 4.01 4.31 2.64
C GLN A 527 2.61 4.82 2.43
N THR A 528 1.86 4.98 3.54
CA THR A 528 0.49 5.49 3.53
C THR A 528 0.39 6.91 2.94
N CYS A 529 1.27 7.82 3.36
CA CYS A 529 1.22 9.18 2.84
C CYS A 529 1.69 9.26 1.39
N ALA A 530 2.48 8.30 0.91
CA ALA A 530 2.82 8.22 -0.53
C ALA A 530 1.50 7.97 -1.29
N PHE A 531 0.61 7.13 -0.72
CA PHE A 531 -0.71 6.85 -1.28
C PHE A 531 -1.57 8.12 -1.39
N TRP A 532 -1.74 8.86 -0.28
CA TRP A 532 -2.55 10.10 -0.26
C TRP A 532 -1.96 11.27 -1.05
N ASN A 533 -0.64 11.46 -0.96
CA ASN A 533 0.07 12.59 -1.53
C ASN A 533 0.57 12.41 -2.93
N ARG A 534 0.82 11.17 -3.37
CA ARG A 534 1.29 10.95 -4.73
C ARG A 534 0.30 10.20 -5.58
N PHE A 535 -0.30 9.11 -5.05
CA PHE A 535 -1.19 8.31 -5.87
C PHE A 535 -2.58 8.88 -6.02
N LEU A 536 -3.33 9.04 -4.93
CA LEU A 536 -4.69 9.55 -4.97
C LEU A 536 -4.91 10.79 -5.84
N PRO A 537 -4.03 11.82 -5.85
CA PRO A 537 -4.27 12.95 -6.76
C PRO A 537 -4.29 12.52 -8.23
N LYS A 538 -3.42 11.54 -8.62
CA LYS A 538 -3.31 10.98 -9.98
C LYS A 538 -4.56 10.19 -10.35
N LEU A 539 -5.28 9.66 -9.36
CA LEU A 539 -6.52 8.92 -9.57
C LEU A 539 -7.65 9.93 -9.82
N LEU A 540 -7.44 11.20 -9.39
CA LEU A 540 -8.35 12.30 -9.69
C LEU A 540 -8.00 12.86 -11.12
N SER A 541 -6.70 13.23 -11.36
CA SER A 541 -6.13 13.74 -12.63
C SER A 541 -6.43 12.86 -13.86
N ALA A 542 -6.76 11.57 -13.63
CA ALA A 542 -7.13 10.61 -14.66
C ALA A 542 -8.52 9.99 -15.01
N THR A 543 -9.11 9.16 -14.13
CA THR A 543 -10.54 8.85 -13.95
C THR A 543 -11.06 9.38 -12.61
N GLU B 4 18.00 -62.62 -20.17
CA GLU B 4 17.12 -61.44 -20.00
C GLU B 4 16.56 -61.34 -18.53
N ASP B 5 16.32 -60.08 -18.04
CA ASP B 5 15.78 -59.81 -16.68
C ASP B 5 14.25 -59.64 -16.72
N PRO B 6 13.48 -60.58 -16.11
CA PRO B 6 12.01 -60.48 -16.14
C PRO B 6 11.45 -59.19 -15.58
N GLN B 7 12.17 -58.59 -14.61
CA GLN B 7 11.81 -57.32 -14.00
C GLN B 7 11.85 -56.12 -14.98
N LEU B 8 12.59 -56.27 -16.10
CA LEU B 8 12.75 -55.25 -17.13
C LEU B 8 11.86 -55.55 -18.35
N LEU B 9 11.05 -56.61 -18.29
CA LEU B 9 10.18 -56.98 -19.42
C LEU B 9 8.75 -56.70 -19.04
N VAL B 10 8.13 -55.74 -19.76
CA VAL B 10 6.76 -55.30 -19.53
C VAL B 10 5.99 -55.31 -20.85
N ARG B 11 4.78 -55.85 -20.82
CA ARG B 11 3.86 -55.84 -21.93
C ARG B 11 2.82 -54.77 -21.62
N VAL B 12 2.76 -53.76 -22.48
CA VAL B 12 1.79 -52.67 -22.42
C VAL B 12 0.82 -52.91 -23.59
N ARG B 13 -0.37 -52.28 -23.60
CA ARG B 13 -1.40 -52.47 -24.65
C ARG B 13 -0.89 -52.49 -26.12
N GLY B 14 0.19 -51.75 -26.43
CA GLY B 14 0.78 -51.67 -27.77
C GLY B 14 1.87 -52.71 -28.04
N GLY B 15 2.26 -53.46 -27.01
CA GLY B 15 3.27 -54.50 -27.16
C GLY B 15 4.28 -54.56 -26.03
N GLN B 16 5.41 -55.24 -26.27
CA GLN B 16 6.45 -55.43 -25.28
C GLN B 16 7.50 -54.33 -25.26
N LEU B 17 8.04 -54.07 -24.07
CA LEU B 17 9.08 -53.06 -23.82
C LEU B 17 10.18 -53.71 -23.04
N ARG B 18 11.40 -53.14 -23.11
CA ARG B 18 12.55 -53.55 -22.31
C ARG B 18 13.13 -52.31 -21.67
N GLY B 19 13.11 -52.30 -20.34
CA GLY B 19 13.68 -51.24 -19.52
C GLY B 19 15.12 -51.49 -19.16
N ILE B 20 15.63 -50.62 -18.32
CA ILE B 20 17.01 -50.65 -17.86
C ILE B 20 17.05 -50.62 -16.35
N ARG B 21 17.89 -51.45 -15.73
CA ARG B 21 18.11 -51.42 -14.30
C ARG B 21 19.09 -50.27 -14.09
N LEU B 22 18.65 -49.28 -13.31
CA LEU B 22 19.46 -48.13 -12.98
C LEU B 22 19.82 -48.18 -11.53
N LYS B 23 21.05 -47.72 -11.20
CA LYS B 23 21.52 -47.68 -9.82
C LYS B 23 21.24 -46.30 -9.24
N ALA B 24 20.53 -46.29 -8.10
CA ALA B 24 20.22 -45.12 -7.29
C ALA B 24 21.04 -45.27 -5.99
N PRO B 25 21.30 -44.20 -5.19
CA PRO B 25 22.13 -44.36 -3.98
C PRO B 25 21.81 -45.57 -3.09
N GLY B 26 20.53 -45.78 -2.81
CA GLY B 26 20.08 -46.85 -1.93
C GLY B 26 19.77 -48.21 -2.51
N GLY B 27 19.88 -48.35 -3.83
CA GLY B 27 19.59 -49.62 -4.50
C GLY B 27 19.12 -49.47 -5.92
N PRO B 28 18.76 -50.60 -6.60
CA PRO B 28 18.31 -50.51 -8.01
C PRO B 28 16.90 -49.95 -8.19
N VAL B 29 16.63 -49.51 -9.44
CA VAL B 29 15.34 -49.01 -9.93
C VAL B 29 15.18 -49.52 -11.35
N SER B 30 13.93 -49.75 -11.78
CA SER B 30 13.64 -50.16 -13.15
C SER B 30 13.16 -48.88 -13.86
N ALA B 31 13.80 -48.53 -14.98
CA ALA B 31 13.44 -47.37 -15.80
C ALA B 31 13.04 -47.84 -17.19
N PHE B 32 11.94 -47.26 -17.70
CA PHE B 32 11.40 -47.55 -19.03
C PHE B 32 11.32 -46.18 -19.67
N LEU B 33 12.39 -45.83 -20.42
CA LEU B 33 12.55 -44.49 -21.01
C LEU B 33 12.28 -44.50 -22.49
N GLY B 34 11.65 -43.47 -23.02
CA GLY B 34 11.36 -43.38 -24.44
C GLY B 34 10.22 -44.24 -24.94
N ILE B 35 9.20 -44.49 -24.09
CA ILE B 35 8.03 -45.27 -24.49
C ILE B 35 7.18 -44.39 -25.42
N PRO B 36 6.83 -44.82 -26.65
CA PRO B 36 5.96 -43.96 -27.46
C PRO B 36 4.49 -43.98 -27.01
N PHE B 37 3.89 -42.80 -26.85
CA PHE B 37 2.48 -42.73 -26.47
C PHE B 37 1.60 -42.16 -27.59
N ALA B 38 2.23 -41.66 -28.67
CA ALA B 38 1.52 -41.08 -29.79
C ALA B 38 2.25 -41.33 -31.09
N GLU B 39 1.49 -41.22 -32.18
CA GLU B 39 2.02 -41.28 -33.52
C GLU B 39 2.91 -40.02 -33.66
N PRO B 40 4.16 -40.12 -34.18
CA PRO B 40 5.02 -38.92 -34.28
C PRO B 40 4.26 -37.76 -34.92
N PRO B 41 4.15 -36.57 -34.26
CA PRO B 41 3.32 -35.48 -34.81
C PRO B 41 4.02 -34.66 -35.88
N VAL B 42 4.45 -35.33 -36.94
CA VAL B 42 5.23 -34.80 -38.05
C VAL B 42 4.43 -34.68 -39.38
N GLY B 43 4.99 -33.98 -40.35
CA GLY B 43 4.37 -33.74 -41.64
C GLY B 43 3.03 -33.04 -41.53
N SER B 44 1.99 -33.70 -42.03
CA SER B 44 0.60 -33.24 -42.07
C SER B 44 0.02 -33.20 -40.68
N ARG B 45 0.63 -33.96 -39.73
CA ARG B 45 0.19 -34.05 -38.35
C ARG B 45 0.71 -32.89 -37.51
N ARG B 46 1.60 -32.03 -38.06
CA ARG B 46 2.08 -30.85 -37.33
C ARG B 46 0.90 -29.91 -37.06
N PHE B 47 0.79 -29.41 -35.80
CA PHE B 47 -0.25 -28.51 -35.27
C PHE B 47 -1.56 -29.25 -34.96
N MET B 48 -1.65 -30.54 -35.33
CA MET B 48 -2.84 -31.33 -35.10
C MET B 48 -2.80 -32.06 -33.75
N PRO B 49 -4.00 -32.38 -33.16
CA PRO B 49 -4.02 -33.17 -31.92
C PRO B 49 -3.25 -34.49 -32.07
N PRO B 50 -2.67 -35.02 -30.96
CA PRO B 50 -1.98 -36.30 -31.04
C PRO B 50 -2.94 -37.46 -31.31
N GLU B 51 -2.45 -38.44 -32.08
CA GLU B 51 -3.18 -39.67 -32.35
C GLU B 51 -2.47 -40.76 -31.55
N PRO B 52 -3.21 -41.70 -30.92
CA PRO B 52 -2.55 -42.76 -30.12
C PRO B 52 -1.57 -43.61 -30.96
N LYS B 53 -0.40 -43.96 -30.36
CA LYS B 53 0.63 -44.76 -31.05
C LYS B 53 0.07 -46.12 -31.41
N ARG B 54 0.26 -46.53 -32.67
CA ARG B 54 -0.18 -47.83 -33.15
C ARG B 54 0.68 -48.93 -32.49
N PRO B 55 0.14 -50.14 -32.30
CA PRO B 55 0.96 -51.23 -31.73
C PRO B 55 2.21 -51.58 -32.53
N TRP B 56 3.22 -52.17 -31.87
CA TRP B 56 4.48 -52.55 -32.49
C TRP B 56 4.78 -54.04 -32.33
N SER B 57 5.59 -54.60 -33.24
CA SER B 57 6.01 -56.00 -33.21
C SER B 57 7.24 -56.07 -32.34
N GLY B 58 7.56 -57.24 -31.78
CA GLY B 58 8.75 -57.45 -30.98
C GLY B 58 8.85 -56.65 -29.70
N VAL B 59 10.06 -56.67 -29.11
CA VAL B 59 10.38 -55.98 -27.86
C VAL B 59 11.02 -54.64 -28.18
N LEU B 60 10.28 -53.55 -27.87
CA LEU B 60 10.73 -52.17 -28.04
C LEU B 60 11.77 -51.82 -26.98
N ASP B 61 12.90 -51.26 -27.42
CA ASP B 61 13.95 -50.84 -26.53
C ASP B 61 13.58 -49.51 -25.86
N ALA B 62 13.38 -49.57 -24.53
CA ALA B 62 13.02 -48.42 -23.69
C ALA B 62 14.12 -48.22 -22.59
N THR B 63 15.39 -48.18 -23.02
CA THR B 63 16.54 -48.05 -22.12
C THR B 63 17.18 -46.66 -22.15
N THR B 64 16.80 -45.84 -23.13
CA THR B 64 17.36 -44.48 -23.30
C THR B 64 16.26 -43.43 -23.45
N PHE B 65 16.56 -42.17 -23.06
CA PHE B 65 15.63 -41.06 -23.28
C PHE B 65 15.52 -40.81 -24.78
N GLN B 66 14.32 -40.43 -25.21
CA GLN B 66 14.10 -40.12 -26.61
C GLN B 66 14.31 -38.63 -26.92
N ASN B 67 14.05 -38.26 -28.18
CA ASN B 67 14.18 -36.89 -28.65
C ASN B 67 13.40 -35.90 -27.83
N VAL B 68 13.99 -34.70 -27.70
CA VAL B 68 13.40 -33.56 -27.03
C VAL B 68 12.57 -32.86 -28.10
N CYS B 69 11.41 -32.30 -27.74
CA CYS B 69 10.56 -31.60 -28.72
C CYS B 69 11.24 -30.37 -29.29
N TYR B 70 11.03 -30.10 -30.59
CA TYR B 70 11.67 -28.96 -31.24
C TYR B 70 11.41 -27.65 -30.49
N GLN B 71 12.50 -26.98 -30.05
CA GLN B 71 12.40 -25.76 -29.23
C GLN B 71 13.58 -24.84 -29.37
N TYR B 72 13.40 -23.62 -28.88
CA TYR B 72 14.46 -22.62 -28.82
C TYR B 72 15.49 -23.10 -27.78
N VAL B 73 16.77 -22.92 -28.08
CA VAL B 73 17.87 -23.31 -27.19
C VAL B 73 18.56 -22.00 -26.77
N ASP B 74 18.64 -21.77 -25.43
CA ASP B 74 19.27 -20.59 -24.84
C ASP B 74 20.76 -20.60 -25.11
N THR B 75 21.26 -19.49 -25.68
CA THR B 75 22.65 -19.32 -26.05
C THR B 75 23.21 -18.03 -25.44
N LEU B 76 22.43 -17.38 -24.56
CA LEU B 76 22.80 -16.15 -23.86
C LEU B 76 24.15 -16.28 -23.11
N TYR B 77 24.26 -17.28 -22.21
CA TYR B 77 25.49 -17.52 -21.44
C TYR B 77 26.05 -18.92 -21.78
N PRO B 78 26.79 -19.06 -22.90
CA PRO B 78 27.29 -20.40 -23.28
C PRO B 78 28.31 -21.02 -22.31
N GLY B 79 28.08 -22.28 -21.96
CA GLY B 79 28.95 -23.02 -21.03
C GLY B 79 28.48 -22.92 -19.59
N PHE B 80 27.63 -21.90 -19.30
CA PHE B 80 27.08 -21.60 -17.99
C PHE B 80 26.00 -22.59 -17.57
N GLU B 81 26.28 -23.32 -16.48
CA GLU B 81 25.42 -24.32 -15.86
C GLU B 81 24.04 -23.74 -15.56
N GLY B 82 23.97 -22.49 -15.07
CA GLY B 82 22.73 -21.80 -14.75
C GLY B 82 21.68 -21.81 -15.84
N THR B 83 22.12 -21.64 -17.10
CA THR B 83 21.23 -21.68 -18.27
C THR B 83 21.24 -23.04 -18.93
N GLU B 84 22.44 -23.62 -19.10
CA GLU B 84 22.59 -24.89 -19.79
C GLU B 84 21.94 -26.10 -19.10
N MET B 85 21.58 -26.03 -17.79
CA MET B 85 20.93 -27.18 -17.12
C MET B 85 19.47 -27.37 -17.57
N TRP B 86 18.89 -26.34 -18.19
CA TRP B 86 17.50 -26.32 -18.65
C TRP B 86 17.44 -26.58 -20.15
N ASN B 87 18.59 -26.49 -20.83
CA ASN B 87 18.74 -26.69 -22.27
C ASN B 87 18.55 -28.15 -22.66
N PRO B 88 18.07 -28.46 -23.90
CA PRO B 88 17.86 -29.88 -24.26
C PRO B 88 19.13 -30.72 -24.12
N ASN B 89 18.97 -31.94 -23.60
CA ASN B 89 20.04 -32.91 -23.37
C ASN B 89 19.92 -34.13 -24.31
N ARG B 90 18.97 -34.07 -25.27
CA ARG B 90 18.81 -35.08 -26.31
C ARG B 90 18.58 -34.34 -27.65
N GLU B 91 18.54 -35.07 -28.77
CA GLU B 91 18.34 -34.44 -30.06
C GLU B 91 16.99 -33.78 -30.17
N LEU B 92 16.96 -32.61 -30.82
CA LEU B 92 15.72 -31.90 -31.05
C LEU B 92 15.07 -32.58 -32.22
N SER B 93 13.77 -32.82 -32.10
CA SER B 93 12.99 -33.46 -33.15
C SER B 93 11.53 -33.23 -32.93
N GLU B 94 10.79 -33.17 -34.04
CA GLU B 94 9.33 -33.05 -33.99
C GLU B 94 8.72 -34.39 -33.53
N ASP B 95 9.48 -35.50 -33.76
CA ASP B 95 9.14 -36.83 -33.31
C ASP B 95 9.67 -36.91 -31.87
N CYS B 96 8.81 -36.55 -30.90
CA CYS B 96 9.20 -36.43 -29.51
C CYS B 96 8.14 -36.89 -28.48
N LEU B 97 6.99 -37.40 -28.94
CA LEU B 97 5.91 -37.84 -28.07
C LEU B 97 6.19 -39.21 -27.48
N TYR B 98 7.02 -39.18 -26.45
CA TYR B 98 7.51 -40.32 -25.68
C TYR B 98 7.38 -40.01 -24.20
N LEU B 99 7.22 -41.05 -23.37
CA LEU B 99 7.16 -40.91 -21.92
C LEU B 99 8.16 -41.83 -21.22
N ASN B 100 8.44 -41.53 -19.95
CA ASN B 100 9.38 -42.28 -19.11
C ASN B 100 8.68 -42.76 -17.86
N VAL B 101 9.04 -43.96 -17.39
CA VAL B 101 8.46 -44.57 -16.19
C VAL B 101 9.61 -45.09 -15.32
N TRP B 102 9.66 -44.68 -14.06
CA TRP B 102 10.60 -45.21 -13.07
C TRP B 102 9.76 -45.93 -12.03
N THR B 103 10.15 -47.15 -11.70
CA THR B 103 9.47 -47.95 -10.68
C THR B 103 10.50 -48.57 -9.76
N PRO B 104 10.10 -48.94 -8.52
CA PRO B 104 11.01 -49.71 -7.66
C PRO B 104 11.49 -51.03 -8.32
N TYR B 105 12.68 -51.51 -7.89
CA TYR B 105 13.28 -52.76 -8.34
C TYR B 105 13.47 -53.67 -7.09
N PRO B 106 12.69 -54.76 -6.95
CA PRO B 106 11.67 -55.27 -7.88
C PRO B 106 10.37 -54.46 -7.88
N ARG B 107 9.62 -54.60 -8.99
CA ARG B 107 8.30 -54.06 -9.34
C ARG B 107 7.42 -54.13 -8.10
N PRO B 108 6.74 -53.03 -7.70
CA PRO B 108 5.87 -53.07 -6.51
C PRO B 108 4.96 -54.30 -6.40
N ALA B 109 4.91 -54.93 -5.20
CA ALA B 109 4.07 -56.11 -4.93
C ALA B 109 2.57 -55.77 -4.98
N SER B 110 2.20 -54.58 -4.45
CA SER B 110 0.83 -54.09 -4.41
C SER B 110 0.75 -52.77 -5.22
N PRO B 111 -0.41 -52.39 -5.80
CA PRO B 111 -0.51 -51.11 -6.54
C PRO B 111 -0.02 -49.86 -5.77
N THR B 112 0.95 -49.17 -6.39
CA THR B 112 1.64 -48.01 -5.86
C THR B 112 1.12 -46.68 -6.41
N PRO B 113 0.98 -45.63 -5.56
CA PRO B 113 0.57 -44.33 -6.08
C PRO B 113 1.53 -43.83 -7.17
N VAL B 114 0.95 -43.23 -8.23
CA VAL B 114 1.65 -42.71 -9.39
C VAL B 114 1.82 -41.21 -9.30
N LEU B 115 3.03 -40.73 -9.58
CA LEU B 115 3.30 -39.28 -9.65
C LEU B 115 3.66 -39.00 -11.11
N ILE B 116 2.90 -38.10 -11.76
CA ILE B 116 3.14 -37.74 -13.15
C ILE B 116 3.68 -36.33 -13.20
N TRP B 117 4.92 -36.17 -13.72
CA TRP B 117 5.60 -34.88 -13.85
C TRP B 117 5.36 -34.21 -15.20
N ILE B 118 4.97 -32.91 -15.17
CA ILE B 118 4.76 -32.06 -16.36
C ILE B 118 5.73 -30.89 -16.20
N TYR B 119 6.83 -30.90 -16.96
CA TYR B 119 7.85 -29.84 -16.88
C TYR B 119 7.37 -28.44 -17.30
N GLY B 120 8.13 -27.42 -16.91
CA GLY B 120 7.92 -26.03 -17.31
C GLY B 120 8.85 -25.63 -18.45
N GLY B 121 8.89 -24.33 -18.76
CA GLY B 121 9.71 -23.78 -19.83
C GLY B 121 8.95 -22.83 -20.72
N GLY B 122 8.05 -22.06 -20.09
CA GLY B 122 7.17 -21.05 -20.67
C GLY B 122 6.34 -21.50 -21.83
N PHE B 123 6.09 -22.83 -21.94
CA PHE B 123 5.36 -23.47 -23.07
C PHE B 123 6.16 -23.42 -24.37
N TYR B 124 7.46 -23.03 -24.31
CA TYR B 124 8.32 -22.94 -25.50
C TYR B 124 9.55 -23.84 -25.39
N SER B 125 9.77 -24.42 -24.23
CA SER B 125 10.95 -25.22 -23.99
C SER B 125 10.67 -26.26 -22.92
N GLY B 126 11.67 -27.11 -22.67
CA GLY B 126 11.64 -28.18 -21.68
C GLY B 126 11.75 -29.56 -22.27
N ALA B 127 12.03 -30.55 -21.42
CA ALA B 127 12.14 -31.98 -21.74
C ALA B 127 12.02 -32.75 -20.45
N ALA B 128 11.51 -33.99 -20.51
CA ALA B 128 11.37 -34.84 -19.33
C ALA B 128 12.68 -35.57 -19.03
N SER B 129 13.67 -35.42 -19.92
CA SER B 129 14.97 -36.08 -19.86
C SER B 129 16.01 -35.33 -19.04
N LEU B 130 15.69 -34.09 -18.61
CA LEU B 130 16.61 -33.25 -17.83
C LEU B 130 17.02 -33.94 -16.54
N ASP B 131 18.28 -33.71 -16.11
CA ASP B 131 18.81 -34.30 -14.88
C ASP B 131 18.01 -34.04 -13.63
N VAL B 132 17.44 -32.81 -13.47
CA VAL B 132 16.64 -32.44 -12.29
C VAL B 132 15.28 -33.17 -12.24
N TYR B 133 14.87 -33.84 -13.34
CA TYR B 133 13.59 -34.55 -13.39
C TYR B 133 13.77 -36.06 -13.27
N ASP B 134 14.96 -36.51 -12.82
CA ASP B 134 15.28 -37.92 -12.67
C ASP B 134 14.42 -38.53 -11.58
N GLY B 135 13.55 -39.47 -11.96
CA GLY B 135 12.62 -40.12 -11.04
C GLY B 135 13.22 -41.26 -10.23
N ARG B 136 14.53 -41.56 -10.40
CA ARG B 136 15.14 -42.69 -9.73
C ARG B 136 15.14 -42.60 -8.19
N PHE B 137 15.32 -41.42 -7.62
CA PHE B 137 15.33 -41.25 -6.17
C PHE B 137 13.98 -41.48 -5.55
N LEU B 138 12.92 -40.85 -6.14
CA LEU B 138 11.55 -41.00 -5.66
C LEU B 138 11.07 -42.44 -5.74
N ALA B 139 11.44 -43.16 -6.79
CA ALA B 139 11.12 -44.57 -6.97
C ALA B 139 11.85 -45.41 -5.91
N GLN B 140 13.18 -45.30 -5.84
CA GLN B 140 14.01 -46.06 -4.90
C GLN B 140 13.67 -45.80 -3.42
N VAL B 141 13.69 -44.54 -3.00
CA VAL B 141 13.50 -44.16 -1.61
C VAL B 141 12.04 -44.23 -1.14
N GLU B 142 11.09 -43.70 -1.93
CA GLU B 142 9.68 -43.62 -1.53
C GLU B 142 8.76 -44.67 -2.14
N GLY B 143 9.35 -45.59 -2.92
CA GLY B 143 8.63 -46.67 -3.56
C GLY B 143 7.60 -46.21 -4.57
N ALA B 144 7.76 -44.98 -5.11
CA ALA B 144 6.83 -44.34 -6.05
C ALA B 144 7.04 -44.77 -7.50
N VAL B 145 5.95 -44.83 -8.24
CA VAL B 145 5.95 -45.08 -9.67
C VAL B 145 5.85 -43.65 -10.20
N LEU B 146 6.95 -43.20 -10.86
CA LEU B 146 7.05 -41.87 -11.42
C LEU B 146 7.03 -41.91 -12.96
N VAL B 147 6.11 -41.12 -13.55
CA VAL B 147 5.90 -40.99 -15.00
C VAL B 147 6.18 -39.54 -15.38
N SER B 148 6.85 -39.32 -16.52
CA SER B 148 7.11 -37.98 -17.08
C SER B 148 7.00 -38.07 -18.57
N MET B 149 6.39 -37.09 -19.22
CA MET B 149 6.19 -37.14 -20.66
C MET B 149 6.70 -35.89 -21.31
N ASN B 150 7.07 -36.01 -22.59
CA ASN B 150 7.42 -34.88 -23.43
C ASN B 150 6.07 -34.47 -24.07
N TYR B 151 5.87 -33.18 -24.20
CA TYR B 151 4.71 -32.62 -24.84
C TYR B 151 5.24 -31.53 -25.74
N ARG B 152 4.57 -31.30 -26.88
CA ARG B 152 4.97 -30.29 -27.83
C ARG B 152 4.92 -28.89 -27.22
N VAL B 153 5.94 -28.10 -27.52
CA VAL B 153 6.11 -26.73 -27.05
C VAL B 153 6.22 -25.80 -28.26
N GLY B 154 6.15 -24.49 -28.01
CA GLY B 154 6.26 -23.45 -29.02
C GLY B 154 5.13 -23.51 -30.03
N THR B 155 5.44 -23.12 -31.28
CA THR B 155 4.49 -23.15 -32.39
C THR B 155 3.93 -24.57 -32.56
N PHE B 156 4.79 -25.56 -32.43
CA PHE B 156 4.46 -26.97 -32.59
C PHE B 156 3.38 -27.46 -31.65
N GLY B 157 3.42 -27.00 -30.41
CA GLY B 157 2.43 -27.41 -29.43
C GLY B 157 1.30 -26.43 -29.22
N PHE B 158 1.54 -25.11 -29.48
CA PHE B 158 0.54 -24.12 -29.16
C PHE B 158 0.21 -23.07 -30.26
N LEU B 159 0.72 -23.18 -31.50
CA LEU B 159 0.25 -22.28 -32.56
C LEU B 159 -1.19 -22.68 -32.91
N ALA B 160 -2.10 -21.70 -32.86
CA ALA B 160 -3.51 -21.91 -33.11
C ALA B 160 -4.10 -20.92 -34.08
N LEU B 161 -5.00 -21.42 -34.95
CA LEU B 161 -5.87 -20.61 -35.80
C LEU B 161 -7.26 -21.04 -35.31
N PRO B 162 -7.72 -20.40 -34.19
CA PRO B 162 -8.94 -20.89 -33.50
C PRO B 162 -10.17 -21.02 -34.38
N GLY B 163 -10.74 -22.22 -34.37
CA GLY B 163 -11.90 -22.56 -35.14
C GLY B 163 -11.52 -23.41 -36.33
N SER B 164 -10.21 -23.43 -36.66
CA SER B 164 -9.73 -24.25 -37.77
C SER B 164 -9.66 -25.69 -37.29
N ARG B 165 -9.78 -26.64 -38.21
CA ARG B 165 -9.70 -28.03 -37.81
C ARG B 165 -8.22 -28.45 -37.80
N GLU B 166 -7.39 -27.81 -38.67
CA GLU B 166 -5.98 -28.10 -38.91
C GLU B 166 -5.01 -27.63 -37.82
N ALA B 167 -5.31 -26.50 -37.17
CA ALA B 167 -4.51 -25.91 -36.10
C ALA B 167 -5.46 -25.36 -35.03
N PRO B 168 -6.08 -26.23 -34.19
CA PRO B 168 -7.08 -25.72 -33.24
C PRO B 168 -6.52 -25.15 -31.91
N GLY B 169 -5.22 -25.30 -31.71
CA GLY B 169 -4.52 -24.90 -30.49
C GLY B 169 -4.62 -25.94 -29.39
N ASN B 170 -3.84 -25.73 -28.31
CA ASN B 170 -3.77 -26.55 -27.10
C ASN B 170 -3.29 -27.99 -27.31
N VAL B 171 -2.72 -28.29 -28.49
CA VAL B 171 -2.32 -29.67 -28.82
C VAL B 171 -1.22 -30.16 -27.88
N GLY B 172 -0.38 -29.25 -27.38
CA GLY B 172 0.63 -29.60 -26.40
C GLY B 172 0.01 -30.12 -25.11
N LEU B 173 -1.17 -29.60 -24.76
CA LEU B 173 -1.93 -30.03 -23.58
C LEU B 173 -2.61 -31.36 -23.87
N LEU B 174 -2.98 -31.58 -25.13
CA LEU B 174 -3.60 -32.83 -25.54
C LEU B 174 -2.57 -33.98 -25.51
N ASP B 175 -1.29 -33.65 -25.81
CA ASP B 175 -0.18 -34.62 -25.73
C ASP B 175 -0.10 -35.03 -24.25
N GLN B 176 -0.18 -34.06 -23.32
CA GLN B 176 -0.13 -34.33 -21.89
C GLN B 176 -1.27 -35.24 -21.49
N ARG B 177 -2.51 -34.93 -21.93
CA ARG B 177 -3.72 -35.72 -21.67
C ARG B 177 -3.60 -37.15 -22.21
N LEU B 178 -3.01 -37.30 -23.42
CA LEU B 178 -2.81 -38.60 -24.04
C LEU B 178 -1.86 -39.43 -23.19
N ALA B 179 -0.81 -38.80 -22.62
CA ALA B 179 0.12 -39.45 -21.71
C ALA B 179 -0.60 -39.84 -20.41
N LEU B 180 -1.57 -39.02 -19.97
CA LEU B 180 -2.39 -39.35 -18.79
C LEU B 180 -3.28 -40.59 -19.07
N GLN B 181 -3.95 -40.64 -20.29
CA GLN B 181 -4.81 -41.78 -20.71
C GLN B 181 -3.96 -43.04 -20.77
N TRP B 182 -2.68 -42.90 -21.25
CA TRP B 182 -1.72 -43.99 -21.34
C TRP B 182 -1.46 -44.57 -19.97
N VAL B 183 -1.29 -43.70 -18.95
CA VAL B 183 -1.05 -44.09 -17.56
C VAL B 183 -2.24 -44.91 -17.04
N GLN B 184 -3.48 -44.43 -17.26
CA GLN B 184 -4.71 -45.15 -16.87
C GLN B 184 -4.76 -46.56 -17.42
N GLU B 185 -4.39 -46.69 -18.68
CA GLU B 185 -4.44 -47.94 -19.40
C GLU B 185 -3.27 -48.88 -19.19
N ASN B 186 -2.06 -48.38 -18.85
CA ASN B 186 -0.87 -49.24 -18.79
C ASN B 186 -0.06 -49.21 -17.51
N ILE B 187 -0.30 -48.26 -16.60
CA ILE B 187 0.55 -48.15 -15.42
C ILE B 187 0.46 -49.38 -14.50
N ALA B 188 -0.70 -50.08 -14.46
CA ALA B 188 -0.85 -51.29 -13.66
C ALA B 188 0.15 -52.37 -14.05
N ALA B 189 0.64 -52.37 -15.31
CA ALA B 189 1.63 -53.33 -15.78
C ALA B 189 2.99 -53.08 -15.11
N PHE B 190 3.20 -51.87 -14.57
CA PHE B 190 4.44 -51.46 -13.89
C PHE B 190 4.30 -51.52 -12.36
N GLY B 191 3.09 -51.83 -11.90
CA GLY B 191 2.76 -51.91 -10.48
C GLY B 191 2.21 -50.62 -9.92
N GLY B 192 1.89 -49.68 -10.81
CA GLY B 192 1.30 -48.40 -10.44
C GLY B 192 -0.20 -48.53 -10.28
N ASP B 193 -0.77 -47.75 -9.37
CA ASP B 193 -2.20 -47.75 -9.11
C ASP B 193 -2.85 -46.68 -10.01
N PRO B 194 -3.64 -47.05 -11.06
CA PRO B 194 -4.28 -46.01 -11.90
C PRO B 194 -5.32 -45.21 -11.12
N MET B 195 -5.72 -45.72 -9.95
CA MET B 195 -6.70 -45.08 -9.09
C MET B 195 -6.09 -44.08 -8.10
N SER B 196 -4.76 -43.94 -8.10
CA SER B 196 -4.07 -42.97 -7.26
C SER B 196 -3.00 -42.30 -8.10
N VAL B 197 -3.43 -41.33 -8.91
CA VAL B 197 -2.57 -40.57 -9.83
C VAL B 197 -2.54 -39.11 -9.39
N THR B 198 -1.33 -38.61 -9.09
CA THR B 198 -1.08 -37.24 -8.69
C THR B 198 -0.30 -36.56 -9.81
N LEU B 199 -0.79 -35.44 -10.34
CA LEU B 199 -0.03 -34.69 -11.35
C LEU B 199 0.83 -33.69 -10.59
N PHE B 200 2.07 -33.50 -11.00
CA PHE B 200 2.88 -32.46 -10.40
C PHE B 200 3.69 -31.79 -11.47
N GLY B 201 3.77 -30.49 -11.39
CA GLY B 201 4.47 -29.72 -12.40
C GLY B 201 4.94 -28.41 -11.83
N GLU B 202 5.90 -27.80 -12.51
CA GLU B 202 6.44 -26.53 -12.11
C GLU B 202 6.34 -25.52 -13.26
N SER B 203 5.98 -24.27 -12.91
CA SER B 203 5.90 -23.15 -13.83
C SER B 203 4.85 -23.43 -14.90
N ALA B 204 5.23 -23.48 -16.21
CA ALA B 204 4.33 -23.80 -17.30
C ALA B 204 3.71 -25.19 -17.08
N GLY B 205 4.47 -26.07 -16.40
CA GLY B 205 4.02 -27.40 -16.00
C GLY B 205 2.93 -27.32 -14.94
N ALA B 206 3.07 -26.37 -13.99
CA ALA B 206 2.07 -26.13 -12.96
C ALA B 206 0.79 -25.53 -13.61
N ALA B 207 0.95 -24.61 -14.58
CA ALA B 207 -0.16 -24.03 -15.34
C ALA B 207 -0.90 -25.12 -16.08
N SER B 208 -0.14 -26.07 -16.73
CA SER B 208 -0.66 -27.27 -17.42
C SER B 208 -1.49 -28.15 -16.46
N VAL B 209 -0.98 -28.42 -15.26
CA VAL B 209 -1.68 -29.15 -14.21
C VAL B 209 -3.02 -28.46 -13.87
N GLY B 210 -2.97 -27.12 -13.72
CA GLY B 210 -4.17 -26.33 -13.46
C GLY B 210 -5.16 -26.44 -14.59
N MET B 211 -4.66 -26.44 -15.83
CA MET B 211 -5.52 -26.56 -16.99
C MET B 211 -6.17 -27.95 -17.12
N HIS B 212 -5.54 -28.99 -16.54
CA HIS B 212 -6.13 -30.32 -16.49
C HIS B 212 -7.24 -30.36 -15.42
N ILE B 213 -7.10 -29.58 -14.30
CA ILE B 213 -8.13 -29.43 -13.27
C ILE B 213 -9.38 -28.75 -13.87
N LEU B 214 -9.15 -27.75 -14.73
CA LEU B 214 -10.19 -26.94 -15.34
C LEU B 214 -10.76 -27.50 -16.63
N SER B 215 -10.31 -28.70 -17.08
CA SER B 215 -10.83 -29.32 -18.30
C SER B 215 -11.39 -30.68 -17.97
N LEU B 216 -12.73 -30.83 -18.03
CA LEU B 216 -13.45 -32.06 -17.67
C LEU B 216 -12.86 -33.36 -18.27
N PRO B 217 -12.51 -33.48 -19.58
CA PRO B 217 -11.97 -34.76 -20.07
C PRO B 217 -10.66 -35.22 -19.40
N SER B 218 -9.95 -34.30 -18.70
CA SER B 218 -8.70 -34.62 -17.98
C SER B 218 -8.96 -35.07 -16.55
N ARG B 219 -10.03 -34.57 -15.95
CA ARG B 219 -10.40 -34.78 -14.57
C ARG B 219 -10.55 -36.24 -14.17
N SER B 220 -10.95 -37.11 -15.09
CA SER B 220 -11.11 -38.56 -14.87
C SER B 220 -9.77 -39.33 -14.91
N LEU B 221 -8.66 -38.62 -15.19
CA LEU B 221 -7.34 -39.23 -15.39
C LEU B 221 -6.38 -39.01 -14.24
N PHE B 222 -6.80 -38.30 -13.19
CA PHE B 222 -6.00 -38.00 -12.00
C PHE B 222 -6.91 -37.71 -10.81
N HIS B 223 -6.33 -37.75 -9.60
CA HIS B 223 -7.04 -37.60 -8.35
C HIS B 223 -6.55 -36.44 -7.50
N ARG B 224 -5.28 -36.04 -7.66
CA ARG B 224 -4.61 -35.00 -6.87
C ARG B 224 -3.71 -34.17 -7.74
N ALA B 225 -3.34 -32.97 -7.28
CA ALA B 225 -2.48 -32.08 -8.07
C ALA B 225 -1.51 -31.23 -7.27
N VAL B 226 -0.33 -30.99 -7.82
CA VAL B 226 0.71 -30.14 -7.25
C VAL B 226 1.05 -29.10 -8.30
N LEU B 227 0.89 -27.81 -7.92
CA LEU B 227 1.16 -26.66 -8.77
C LEU B 227 2.29 -25.89 -8.16
N GLN B 228 3.52 -26.09 -8.68
CA GLN B 228 4.72 -25.43 -8.18
C GLN B 228 5.03 -24.21 -9.04
N SER B 229 5.04 -23.02 -8.42
CA SER B 229 5.40 -21.76 -9.06
C SER B 229 4.73 -21.47 -10.42
N GLY B 230 3.45 -21.82 -10.55
CA GLY B 230 2.67 -21.59 -11.77
C GLY B 230 1.20 -21.92 -11.55
N THR B 231 0.30 -21.34 -12.40
CA THR B 231 -1.18 -21.45 -12.30
C THR B 231 -1.87 -21.29 -13.66
N PRO B 232 -3.09 -21.84 -13.89
CA PRO B 232 -3.76 -21.63 -15.20
C PRO B 232 -4.21 -20.17 -15.41
N ASN B 233 -4.61 -19.51 -14.31
CA ASN B 233 -4.98 -18.09 -14.25
C ASN B 233 -3.67 -17.27 -14.29
N GLY B 234 -3.80 -15.97 -14.50
CA GLY B 234 -2.62 -15.12 -14.56
C GLY B 234 -2.34 -14.47 -15.89
N PRO B 235 -1.36 -13.55 -15.91
CA PRO B 235 -1.10 -12.78 -17.14
C PRO B 235 -0.43 -13.49 -18.33
N TRP B 236 0.23 -14.63 -18.10
CA TRP B 236 1.03 -15.31 -19.12
C TRP B 236 0.59 -16.72 -19.59
N ALA B 237 -0.17 -17.49 -18.77
CA ALA B 237 -0.49 -18.89 -19.05
C ALA B 237 -1.45 -19.11 -20.20
N THR B 238 -2.29 -18.13 -20.51
CA THR B 238 -3.23 -18.24 -21.64
C THR B 238 -3.24 -16.96 -22.45
N VAL B 239 -3.91 -17.03 -23.61
CA VAL B 239 -4.18 -15.96 -24.56
C VAL B 239 -5.60 -16.18 -25.06
N SER B 240 -6.19 -15.11 -25.57
CA SER B 240 -7.54 -15.16 -26.16
C SER B 240 -7.41 -15.80 -27.53
N ALA B 241 -8.54 -16.23 -28.11
CA ALA B 241 -8.59 -16.78 -29.46
C ALA B 241 -8.13 -15.72 -30.48
N GLY B 242 -8.46 -14.45 -30.20
CA GLY B 242 -8.09 -13.31 -31.04
C GLY B 242 -6.59 -13.07 -31.05
N GLU B 243 -5.97 -13.06 -29.87
CA GLU B 243 -4.53 -12.86 -29.72
C GLU B 243 -3.73 -14.04 -30.33
N ALA B 244 -4.17 -15.30 -30.14
CA ALA B 244 -3.53 -16.48 -30.74
C ALA B 244 -3.60 -16.44 -32.25
N ARG B 245 -4.75 -15.97 -32.80
CA ARG B 245 -4.98 -15.82 -34.23
C ARG B 245 -4.03 -14.75 -34.77
N ARG B 246 -3.86 -13.64 -34.01
CA ARG B 246 -2.99 -12.54 -34.41
C ARG B 246 -1.54 -13.01 -34.54
N ARG B 247 -1.06 -13.73 -33.52
CA ARG B 247 0.32 -14.21 -33.45
C ARG B 247 0.61 -15.28 -34.48
N ALA B 248 -0.35 -16.20 -34.76
CA ALA B 248 -0.16 -17.25 -35.77
C ALA B 248 -0.11 -16.65 -37.16
N THR B 249 -1.00 -15.67 -37.42
CA THR B 249 -1.07 -14.95 -38.68
C THR B 249 0.22 -14.14 -38.93
N LEU B 250 0.78 -13.54 -37.86
CA LEU B 250 2.01 -12.76 -37.95
C LEU B 250 3.22 -13.64 -38.23
N LEU B 251 3.31 -14.81 -37.57
CA LEU B 251 4.40 -15.75 -37.74
C LEU B 251 4.37 -16.29 -39.15
N ALA B 252 3.15 -16.59 -39.65
CA ALA B 252 2.91 -17.08 -41.01
C ALA B 252 3.43 -16.02 -42.01
N ARG B 253 3.12 -14.74 -41.75
CA ARG B 253 3.62 -13.64 -42.58
C ARG B 253 5.16 -13.60 -42.50
N LEU B 254 5.71 -13.73 -41.28
CA LEU B 254 7.15 -13.70 -41.05
C LEU B 254 7.91 -14.78 -41.82
N VAL B 255 7.32 -15.96 -41.97
CA VAL B 255 7.96 -17.06 -42.71
C VAL B 255 7.53 -17.16 -44.21
N GLY B 256 6.84 -16.16 -44.72
CA GLY B 256 6.44 -16.13 -46.12
C GLY B 256 5.14 -16.82 -46.50
N CYS B 257 4.30 -17.16 -45.53
CA CYS B 257 3.00 -17.78 -45.77
C CYS B 257 1.87 -16.76 -45.89
N PRO B 258 1.23 -16.71 -47.08
CA PRO B 258 0.23 -15.66 -47.31
C PRO B 258 -1.19 -16.01 -46.89
N ASN B 265 -8.02 -17.95 -46.14
CA ASN B 265 -8.33 -19.32 -45.69
C ASN B 265 -7.27 -19.88 -44.73
N ASP B 266 -7.72 -20.46 -43.59
CA ASP B 266 -6.82 -21.08 -42.61
C ASP B 266 -6.14 -22.32 -43.18
N THR B 267 -6.90 -23.16 -43.93
CA THR B 267 -6.43 -24.39 -44.56
C THR B 267 -5.16 -24.11 -45.36
N GLU B 268 -5.18 -23.01 -46.15
CA GLU B 268 -4.08 -22.55 -47.00
C GLU B 268 -2.86 -22.15 -46.17
N LEU B 269 -3.05 -21.24 -45.20
CA LEU B 269 -2.03 -20.71 -44.29
C LEU B 269 -1.32 -21.82 -43.49
N ILE B 270 -2.09 -22.74 -42.89
CA ILE B 270 -1.57 -23.84 -42.09
C ILE B 270 -0.78 -24.79 -42.98
N ALA B 271 -1.27 -25.09 -44.21
CA ALA B 271 -0.58 -25.95 -45.15
C ALA B 271 0.83 -25.42 -45.46
N CYS B 272 0.96 -24.12 -45.67
CA CYS B 272 2.24 -23.46 -45.93
C CYS B 272 3.13 -23.54 -44.69
N LEU B 273 2.56 -23.28 -43.50
CA LEU B 273 3.28 -23.39 -42.22
C LEU B 273 3.82 -24.78 -42.05
N ARG B 274 3.10 -25.82 -42.55
CA ARG B 274 3.50 -27.23 -42.47
C ARG B 274 4.67 -27.57 -43.38
N THR B 275 4.96 -26.73 -44.37
CA THR B 275 6.07 -26.97 -45.31
C THR B 275 7.36 -26.34 -44.80
N ARG B 276 7.27 -25.52 -43.77
CA ARG B 276 8.42 -24.81 -43.25
C ARG B 276 9.29 -25.67 -42.32
N PRO B 277 10.64 -25.65 -42.50
CA PRO B 277 11.52 -26.38 -41.57
C PRO B 277 11.30 -25.90 -40.14
N ALA B 278 11.29 -26.83 -39.19
CA ALA B 278 11.07 -26.54 -37.77
C ALA B 278 11.86 -25.30 -37.24
N GLN B 279 13.14 -25.17 -37.62
CA GLN B 279 14.01 -24.07 -37.19
C GLN B 279 13.56 -22.69 -37.72
N ASP B 280 12.95 -22.64 -38.94
CA ASP B 280 12.41 -21.39 -39.49
C ASP B 280 11.31 -20.83 -38.54
N LEU B 281 10.44 -21.74 -38.04
CA LEU B 281 9.37 -21.40 -37.11
C LEU B 281 9.92 -20.92 -35.76
N VAL B 282 10.96 -21.60 -35.26
CA VAL B 282 11.62 -21.26 -33.99
C VAL B 282 12.34 -19.89 -34.13
N ASP B 283 13.03 -19.63 -35.27
CA ASP B 283 13.75 -18.38 -35.56
C ASP B 283 12.88 -17.11 -35.45
N HIS B 284 11.55 -17.24 -35.64
CA HIS B 284 10.62 -16.09 -35.59
C HIS B 284 9.67 -16.09 -34.41
N GLU B 285 9.64 -17.17 -33.65
CA GLU B 285 8.76 -17.37 -32.51
C GLU B 285 8.65 -16.14 -31.61
N TRP B 286 9.79 -15.54 -31.24
CA TRP B 286 9.82 -14.42 -30.30
C TRP B 286 9.38 -13.08 -30.90
N HIS B 287 9.33 -12.98 -32.23
CA HIS B 287 8.99 -11.75 -32.92
C HIS B 287 7.48 -11.45 -33.03
N VAL B 288 6.61 -12.25 -32.36
CA VAL B 288 5.16 -12.02 -32.46
C VAL B 288 4.53 -11.42 -31.17
N LEU B 289 5.32 -11.22 -30.08
CA LEU B 289 4.81 -10.65 -28.83
C LEU B 289 4.38 -9.20 -29.06
N PRO B 290 3.22 -8.78 -28.51
CA PRO B 290 2.70 -7.44 -28.83
C PRO B 290 3.46 -6.24 -28.26
N GLN B 291 4.28 -6.46 -27.21
CA GLN B 291 5.04 -5.39 -26.53
C GLN B 291 6.39 -5.95 -26.08
N GLU B 292 7.35 -5.05 -25.77
CA GLU B 292 8.64 -5.41 -25.18
C GLU B 292 8.23 -5.90 -23.78
N SER B 293 8.57 -7.15 -23.45
CA SER B 293 8.12 -7.75 -22.19
C SER B 293 9.04 -8.84 -21.68
N ILE B 294 8.82 -9.24 -20.42
CA ILE B 294 9.49 -10.34 -19.72
C ILE B 294 8.34 -11.14 -19.10
N PHE B 295 8.51 -12.46 -18.95
CA PHE B 295 7.52 -13.41 -18.44
C PHE B 295 6.27 -13.46 -19.34
N ARG B 296 6.48 -13.32 -20.67
CA ARG B 296 5.46 -13.40 -21.71
C ARG B 296 6.00 -14.29 -22.81
N PHE B 297 5.20 -15.29 -23.19
CA PHE B 297 5.57 -16.31 -24.15
C PHE B 297 4.61 -16.29 -25.34
N SER B 298 5.15 -16.46 -26.57
CA SER B 298 4.41 -16.32 -27.81
C SER B 298 3.30 -17.34 -28.05
N PHE B 299 3.61 -18.64 -27.90
CA PHE B 299 2.63 -19.69 -28.15
C PHE B 299 2.35 -20.44 -26.85
N VAL B 300 1.20 -20.15 -26.26
CA VAL B 300 0.76 -20.69 -24.96
C VAL B 300 -0.69 -21.20 -25.12
N PRO B 301 -1.27 -21.91 -24.13
CA PRO B 301 -2.66 -22.35 -24.28
C PRO B 301 -3.62 -21.21 -24.67
N VAL B 302 -4.56 -21.53 -25.55
CA VAL B 302 -5.58 -20.57 -26.04
C VAL B 302 -6.92 -20.88 -25.35
N VAL B 303 -7.71 -19.84 -25.08
CA VAL B 303 -9.05 -20.02 -24.49
C VAL B 303 -9.90 -20.27 -25.74
N ASP B 304 -10.04 -21.55 -26.10
CA ASP B 304 -10.67 -21.99 -27.32
C ASP B 304 -12.17 -22.30 -27.24
N GLY B 305 -12.72 -22.35 -26.04
CA GLY B 305 -14.11 -22.73 -25.82
C GLY B 305 -14.28 -24.25 -25.92
N ASP B 306 -13.16 -25.00 -25.94
CA ASP B 306 -13.13 -26.45 -26.07
C ASP B 306 -12.30 -27.04 -24.92
N PHE B 307 -10.95 -27.10 -25.02
CA PHE B 307 -10.12 -27.56 -23.91
C PHE B 307 -10.42 -26.68 -22.69
N LEU B 308 -10.47 -25.35 -22.92
CA LEU B 308 -10.82 -24.38 -21.92
C LEU B 308 -12.14 -23.79 -22.34
N SER B 309 -13.23 -24.20 -21.67
CA SER B 309 -14.61 -23.77 -21.98
C SER B 309 -14.80 -22.26 -21.78
N ASP B 310 -14.03 -21.69 -20.86
CA ASP B 310 -14.01 -20.26 -20.55
C ASP B 310 -12.57 -19.92 -20.09
N THR B 311 -12.31 -18.67 -19.74
CA THR B 311 -10.98 -18.26 -19.26
C THR B 311 -10.67 -18.95 -17.92
N PRO B 312 -9.40 -19.28 -17.57
CA PRO B 312 -9.14 -19.88 -16.26
C PRO B 312 -9.69 -19.06 -15.08
N GLU B 313 -9.73 -17.72 -15.19
CA GLU B 313 -10.30 -16.85 -14.14
C GLU B 313 -11.81 -17.18 -13.95
N ALA B 314 -12.58 -17.27 -15.05
CA ALA B 314 -14.01 -17.64 -15.01
C ALA B 314 -14.20 -19.03 -14.42
N LEU B 315 -13.36 -20.02 -14.85
CA LEU B 315 -13.48 -21.41 -14.40
C LEU B 315 -13.10 -21.61 -12.95
N ILE B 316 -12.08 -20.88 -12.43
CA ILE B 316 -11.69 -21.00 -11.01
C ILE B 316 -12.74 -20.35 -10.11
N ASN B 317 -13.48 -19.32 -10.60
CA ASN B 317 -14.50 -18.64 -9.80
C ASN B 317 -15.81 -19.42 -9.75
N THR B 318 -16.10 -20.26 -10.75
CA THR B 318 -17.38 -20.96 -10.82
C THR B 318 -17.33 -22.46 -10.58
N GLY B 319 -16.15 -23.05 -10.70
CA GLY B 319 -15.99 -24.50 -10.56
C GLY B 319 -16.25 -25.07 -9.18
N ASP B 320 -16.67 -26.34 -9.15
CA ASP B 320 -16.88 -27.13 -7.94
C ASP B 320 -15.63 -28.03 -7.81
N PHE B 321 -14.83 -27.76 -6.75
CA PHE B 321 -13.57 -28.46 -6.50
C PHE B 321 -13.62 -29.31 -5.25
N GLN B 322 -14.82 -29.76 -4.85
CA GLN B 322 -15.06 -30.54 -3.63
C GLN B 322 -14.18 -31.76 -3.45
N ASP B 323 -14.21 -32.71 -4.40
CA ASP B 323 -13.41 -33.92 -4.24
C ASP B 323 -11.97 -33.77 -4.81
N LEU B 324 -11.31 -32.64 -4.47
CA LEU B 324 -9.97 -32.33 -4.97
C LEU B 324 -9.00 -31.93 -3.89
N GLN B 325 -7.79 -32.49 -3.92
CA GLN B 325 -6.68 -32.15 -3.03
C GLN B 325 -5.60 -31.50 -3.89
N VAL B 326 -5.11 -30.34 -3.44
CA VAL B 326 -4.14 -29.55 -4.17
C VAL B 326 -3.04 -29.05 -3.24
N LEU B 327 -1.77 -29.17 -3.70
CA LEU B 327 -0.58 -28.65 -3.06
C LEU B 327 -0.05 -27.51 -3.98
N VAL B 328 0.04 -26.29 -3.47
CA VAL B 328 0.46 -25.11 -4.23
C VAL B 328 1.58 -24.40 -3.53
N GLY B 329 2.41 -23.71 -4.28
CA GLY B 329 3.47 -22.93 -3.67
C GLY B 329 4.34 -22.18 -4.62
N VAL B 330 5.24 -21.40 -4.02
CA VAL B 330 6.16 -20.48 -4.68
C VAL B 330 7.57 -20.57 -4.10
N VAL B 331 8.57 -20.05 -4.82
CA VAL B 331 9.96 -19.93 -4.38
C VAL B 331 10.14 -18.49 -3.90
N LYS B 332 11.18 -18.24 -3.11
CA LYS B 332 11.46 -16.94 -2.49
C LYS B 332 11.60 -15.80 -3.51
N ASP B 333 12.17 -16.10 -4.71
CA ASP B 333 12.47 -15.10 -5.74
C ASP B 333 12.06 -15.50 -7.13
N GLU B 334 10.75 -15.61 -7.32
CA GLU B 334 10.13 -15.99 -8.60
C GLU B 334 10.58 -15.18 -9.82
N GLY B 335 10.71 -13.87 -9.67
CA GLY B 335 11.03 -13.00 -10.78
C GLY B 335 12.48 -12.69 -11.06
N SER B 336 13.42 -13.07 -10.20
CA SER B 336 14.83 -12.71 -10.37
C SER B 336 15.45 -13.14 -11.72
N TYR B 337 15.17 -14.37 -12.18
CA TYR B 337 15.69 -14.86 -13.46
C TYR B 337 15.29 -13.97 -14.65
N PHE B 338 14.00 -13.61 -14.73
CA PHE B 338 13.39 -12.86 -15.83
C PHE B 338 13.95 -11.46 -16.04
N LEU B 339 14.60 -10.91 -15.02
CA LEU B 339 15.18 -9.58 -15.06
C LEU B 339 16.43 -9.50 -15.90
N VAL B 340 17.27 -10.56 -15.85
CA VAL B 340 18.55 -10.62 -16.57
C VAL B 340 18.34 -10.84 -18.07
N TYR B 341 17.09 -11.13 -18.47
CA TYR B 341 16.79 -11.41 -19.86
C TYR B 341 16.34 -10.21 -20.66
N GLY B 342 15.50 -9.36 -20.11
CA GLY B 342 15.07 -8.17 -20.83
C GLY B 342 14.95 -6.85 -20.09
N VAL B 343 15.38 -6.77 -18.80
CA VAL B 343 15.32 -5.50 -18.08
C VAL B 343 16.69 -4.80 -18.11
N PRO B 344 16.80 -3.63 -18.77
CA PRO B 344 18.10 -2.92 -18.77
C PRO B 344 18.53 -2.57 -17.36
N GLY B 345 19.81 -2.85 -17.09
CA GLY B 345 20.44 -2.59 -15.81
C GLY B 345 20.72 -3.86 -15.03
N PHE B 346 20.12 -4.98 -15.48
CA PHE B 346 20.22 -6.29 -14.85
C PHE B 346 21.17 -7.23 -15.56
N SER B 347 22.02 -7.90 -14.76
CA SER B 347 23.01 -8.88 -15.22
C SER B 347 23.28 -9.93 -14.15
N LYS B 348 23.65 -11.14 -14.60
CA LYS B 348 24.04 -12.21 -13.69
C LYS B 348 25.48 -11.95 -13.17
N ASP B 349 26.24 -11.11 -13.89
CA ASP B 349 27.66 -10.88 -13.65
C ASP B 349 28.01 -9.64 -12.77
N ASN B 350 27.01 -8.77 -12.47
CA ASN B 350 27.17 -7.63 -11.55
C ASN B 350 26.03 -7.71 -10.51
N GLU B 351 26.10 -6.92 -9.44
CA GLU B 351 25.10 -6.93 -8.36
C GLU B 351 23.74 -6.30 -8.72
N SER B 352 23.59 -5.83 -9.98
CA SER B 352 22.41 -5.25 -10.62
C SER B 352 21.72 -4.13 -9.79
N LEU B 353 22.52 -3.23 -9.20
CA LEU B 353 22.01 -2.07 -8.46
C LEU B 353 21.54 -1.05 -9.49
N ILE B 354 20.22 -0.95 -9.64
CA ILE B 354 19.57 -0.09 -10.62
C ILE B 354 19.19 1.27 -10.05
N SER B 355 18.95 2.24 -10.95
CA SER B 355 18.50 3.59 -10.62
C SER B 355 16.97 3.64 -10.63
N ARG B 356 16.38 4.73 -10.09
CA ARG B 356 14.94 4.92 -10.08
C ARG B 356 14.36 4.86 -11.52
N ALA B 357 15.00 5.57 -12.47
CA ALA B 357 14.58 5.59 -13.88
C ALA B 357 14.54 4.20 -14.46
N GLN B 358 15.58 3.37 -14.13
CA GLN B 358 15.71 1.97 -14.59
C GLN B 358 14.57 1.12 -14.02
N PHE B 359 14.10 1.46 -12.78
CA PHE B 359 13.00 0.77 -12.10
C PHE B 359 11.66 1.09 -12.77
N LEU B 360 11.41 2.40 -13.07
CA LEU B 360 10.18 2.84 -13.75
C LEU B 360 10.10 2.19 -15.15
N ALA B 361 11.26 2.12 -15.84
CA ALA B 361 11.42 1.49 -17.16
C ALA B 361 11.17 -0.01 -17.09
N GLY B 362 11.61 -0.62 -16.00
CA GLY B 362 11.46 -2.05 -15.74
C GLY B 362 10.03 -2.45 -15.49
N VAL B 363 9.29 -1.60 -14.77
CA VAL B 363 7.88 -1.86 -14.45
C VAL B 363 7.05 -1.96 -15.76
N ARG B 364 7.37 -1.12 -16.78
CA ARG B 364 6.67 -1.14 -18.07
C ARG B 364 6.92 -2.43 -18.81
N ILE B 365 8.15 -3.02 -18.68
CA ILE B 365 8.54 -4.28 -19.33
C ILE B 365 7.95 -5.48 -18.54
N GLY B 366 8.02 -5.40 -17.21
CA GLY B 366 7.52 -6.41 -16.28
C GLY B 366 6.01 -6.53 -16.22
N VAL B 367 5.30 -5.42 -16.42
CA VAL B 367 3.84 -5.37 -16.44
C VAL B 367 3.49 -4.72 -17.82
N PRO B 368 3.71 -5.45 -18.96
CA PRO B 368 3.49 -4.84 -20.28
C PRO B 368 2.07 -4.39 -20.62
N GLN B 369 1.06 -4.95 -19.94
CA GLN B 369 -0.34 -4.62 -20.15
C GLN B 369 -0.76 -3.38 -19.35
N ALA B 370 0.14 -2.87 -18.47
CA ALA B 370 -0.16 -1.71 -17.64
C ALA B 370 -0.15 -0.42 -18.40
N SER B 371 -1.17 0.40 -18.13
CA SER B 371 -1.38 1.75 -18.62
C SER B 371 -0.42 2.66 -17.86
N ASP B 372 -0.37 3.96 -18.22
CA ASP B 372 0.52 4.88 -17.49
C ASP B 372 0.15 4.94 -16.02
N LEU B 373 -1.17 5.03 -15.71
CA LEU B 373 -1.70 5.08 -14.34
C LEU B 373 -1.48 3.78 -13.58
N ALA B 374 -1.71 2.64 -14.21
CA ALA B 374 -1.50 1.35 -13.58
C ALA B 374 -0.02 1.12 -13.24
N ALA B 375 0.91 1.54 -14.13
CA ALA B 375 2.34 1.41 -13.91
C ALA B 375 2.78 2.29 -12.75
N GLU B 376 2.13 3.45 -12.58
CA GLU B 376 2.42 4.35 -11.47
C GLU B 376 1.93 3.78 -10.16
N ALA B 377 0.76 3.10 -10.17
CA ALA B 377 0.23 2.45 -8.98
C ALA B 377 1.22 1.38 -8.52
N VAL B 378 1.85 0.63 -9.47
CA VAL B 378 2.84 -0.41 -9.18
C VAL B 378 4.08 0.25 -8.55
N VAL B 379 4.59 1.31 -9.18
CA VAL B 379 5.76 2.05 -8.75
C VAL B 379 5.58 2.64 -7.35
N LEU B 380 4.41 3.23 -7.07
CA LEU B 380 4.18 3.81 -5.77
C LEU B 380 3.97 2.76 -4.67
N HIS B 381 3.52 1.57 -5.03
CA HIS B 381 3.31 0.49 -4.08
C HIS B 381 4.61 -0.16 -3.67
N TYR B 382 5.49 -0.39 -4.64
CA TYR B 382 6.76 -1.08 -4.48
C TYR B 382 7.92 -0.19 -4.09
N THR B 383 7.75 1.15 -4.11
CA THR B 383 8.80 2.04 -3.64
C THR B 383 8.80 2.01 -2.11
N ASP B 384 10.01 2.09 -1.52
CA ASP B 384 10.21 2.21 -0.09
C ASP B 384 10.39 3.71 0.05
N TRP B 385 9.35 4.41 0.51
CA TRP B 385 9.35 5.87 0.58
C TRP B 385 10.31 6.45 1.63
N LEU B 386 11.06 5.56 2.30
CA LEU B 386 12.13 5.95 3.23
C LEU B 386 13.45 6.03 2.48
N HIS B 387 13.67 5.08 1.54
CA HIS B 387 14.86 4.96 0.71
C HIS B 387 14.39 4.81 -0.76
N PRO B 388 13.77 5.85 -1.37
CA PRO B 388 13.21 5.68 -2.72
C PRO B 388 14.23 5.65 -3.86
N GLU B 389 15.48 6.04 -3.56
CA GLU B 389 16.56 6.07 -4.53
C GLU B 389 17.57 4.92 -4.30
N ASP B 390 17.38 4.13 -3.21
CA ASP B 390 18.29 3.03 -2.85
C ASP B 390 18.33 1.93 -3.92
N PRO B 391 19.51 1.75 -4.55
CA PRO B 391 19.63 0.77 -5.65
C PRO B 391 19.35 -0.68 -5.30
N THR B 392 19.64 -1.12 -4.07
CA THR B 392 19.37 -2.49 -3.62
C THR B 392 17.88 -2.67 -3.47
N HIS B 393 17.18 -1.69 -2.83
CA HIS B 393 15.73 -1.75 -2.66
C HIS B 393 15.05 -1.79 -4.03
N LEU B 394 15.47 -0.91 -4.97
CA LEU B 394 14.93 -0.80 -6.33
C LEU B 394 15.10 -2.11 -7.11
N ARG B 395 16.33 -2.69 -7.03
CA ARG B 395 16.64 -4.00 -7.62
C ARG B 395 15.68 -5.07 -7.08
N ASP B 396 15.54 -5.18 -5.76
CA ASP B 396 14.68 -6.18 -5.11
C ASP B 396 13.20 -5.95 -5.37
N ALA B 397 12.76 -4.67 -5.45
CA ALA B 397 11.39 -4.27 -5.77
C ALA B 397 11.06 -4.72 -7.21
N MET B 398 12.00 -4.51 -8.15
CA MET B 398 11.86 -4.95 -9.53
C MET B 398 11.65 -6.49 -9.61
N SER B 399 12.40 -7.28 -8.82
CA SER B 399 12.25 -8.75 -8.76
C SER B 399 10.87 -9.12 -8.22
N ALA B 400 10.42 -8.41 -7.17
CA ALA B 400 9.13 -8.60 -6.51
C ALA B 400 7.97 -8.28 -7.43
N VAL B 401 8.03 -7.20 -8.20
CA VAL B 401 6.96 -6.85 -9.14
C VAL B 401 6.73 -8.04 -10.08
N VAL B 402 7.78 -8.50 -10.75
CA VAL B 402 7.74 -9.61 -11.70
C VAL B 402 7.26 -10.92 -11.04
N GLY B 403 7.85 -11.26 -9.89
CA GLY B 403 7.48 -12.47 -9.18
C GLY B 403 6.04 -12.49 -8.68
N ASP B 404 5.60 -11.36 -8.07
CA ASP B 404 4.26 -11.18 -7.52
C ASP B 404 3.20 -11.17 -8.59
N HIS B 405 3.41 -10.37 -9.65
CA HIS B 405 2.47 -10.18 -10.75
C HIS B 405 2.17 -11.48 -11.47
N ASN B 406 3.23 -12.25 -11.79
CA ASN B 406 3.20 -13.47 -12.57
C ASN B 406 2.99 -14.76 -11.83
N VAL B 407 3.47 -14.86 -10.58
CA VAL B 407 3.38 -16.12 -9.86
C VAL B 407 2.69 -16.03 -8.49
N VAL B 408 3.24 -15.25 -7.54
CA VAL B 408 2.77 -15.24 -6.14
C VAL B 408 1.31 -14.88 -6.01
N CYS B 409 0.86 -13.82 -6.68
CA CYS B 409 -0.54 -13.39 -6.56
C CYS B 409 -1.47 -14.23 -7.41
N PRO B 410 -1.14 -14.71 -8.64
CA PRO B 410 -1.99 -15.74 -9.25
C PRO B 410 -2.10 -17.00 -8.38
N VAL B 411 -1.00 -17.44 -7.71
CA VAL B 411 -1.04 -18.61 -6.77
C VAL B 411 -2.01 -18.31 -5.61
N ALA B 412 -1.88 -17.11 -4.97
CA ALA B 412 -2.73 -16.67 -3.85
C ALA B 412 -4.23 -16.68 -4.25
N GLN B 413 -4.55 -16.18 -5.48
CA GLN B 413 -5.90 -16.18 -6.07
C GLN B 413 -6.42 -17.63 -6.28
N LEU B 414 -5.59 -18.51 -6.85
CA LEU B 414 -5.95 -19.91 -7.07
C LEU B 414 -6.25 -20.63 -5.75
N ALA B 415 -5.33 -20.54 -4.77
CA ALA B 415 -5.48 -21.18 -3.45
C ALA B 415 -6.76 -20.72 -2.79
N GLY B 416 -7.03 -19.42 -2.83
CA GLY B 416 -8.24 -18.82 -2.30
C GLY B 416 -9.51 -19.35 -2.93
N ARG B 417 -9.60 -19.34 -4.28
CA ARG B 417 -10.81 -19.81 -4.98
C ARG B 417 -11.00 -21.33 -4.81
N LEU B 418 -9.93 -22.14 -4.99
CA LEU B 418 -10.01 -23.58 -4.76
C LEU B 418 -10.50 -23.90 -3.32
N ALA B 419 -9.91 -23.22 -2.30
CA ALA B 419 -10.27 -23.42 -0.90
C ALA B 419 -11.73 -23.09 -0.61
N ALA B 420 -12.20 -21.96 -1.14
CA ALA B 420 -13.56 -21.45 -1.03
C ALA B 420 -14.57 -22.37 -1.71
N GLN B 421 -14.13 -23.10 -2.73
CA GLN B 421 -15.03 -23.94 -3.51
C GLN B 421 -14.84 -25.44 -3.28
N GLY B 422 -14.58 -25.81 -2.02
CA GLY B 422 -14.50 -27.20 -1.57
C GLY B 422 -13.21 -27.99 -1.69
N ALA B 423 -12.17 -27.48 -2.36
CA ALA B 423 -10.90 -28.23 -2.43
C ALA B 423 -10.23 -28.25 -1.07
N ARG B 424 -9.32 -29.19 -0.89
CA ARG B 424 -8.47 -29.29 0.30
C ARG B 424 -7.13 -28.81 -0.26
N VAL B 425 -6.68 -27.65 0.20
CA VAL B 425 -5.48 -26.96 -0.32
C VAL B 425 -4.39 -26.88 0.77
N TYR B 426 -3.13 -27.05 0.37
CA TYR B 426 -1.91 -26.92 1.19
C TYR B 426 -1.00 -25.97 0.41
N ALA B 427 -0.50 -24.93 1.06
CA ALA B 427 0.35 -23.92 0.41
C ALA B 427 1.69 -23.84 1.09
N TYR B 428 2.74 -23.49 0.31
CA TYR B 428 4.10 -23.37 0.86
C TYR B 428 4.84 -22.20 0.21
N ILE B 429 5.98 -21.83 0.82
CA ILE B 429 6.95 -20.88 0.29
C ILE B 429 8.30 -21.58 0.44
N PHE B 430 8.98 -21.84 -0.67
CA PHE B 430 10.28 -22.53 -0.66
C PHE B 430 11.36 -21.46 -0.58
N GLU B 431 12.14 -21.45 0.52
CA GLU B 431 13.10 -20.38 0.81
C GLU B 431 14.56 -20.78 0.87
N HIS B 432 14.87 -22.01 0.48
CA HIS B 432 16.25 -22.47 0.52
C HIS B 432 17.00 -22.32 -0.83
N ARG B 433 18.11 -21.58 -0.80
CA ARG B 433 18.98 -21.39 -1.96
C ARG B 433 19.99 -22.54 -1.98
N ALA B 434 20.07 -23.30 -3.09
CA ALA B 434 21.00 -24.42 -3.21
C ALA B 434 22.44 -23.95 -3.02
N SER B 435 23.23 -24.71 -2.24
CA SER B 435 24.62 -24.40 -1.97
C SER B 435 25.44 -24.42 -3.28
N THR B 436 24.98 -25.22 -4.24
CA THR B 436 25.59 -25.44 -5.56
C THR B 436 25.29 -24.34 -6.59
N LEU B 437 24.25 -23.49 -6.36
CA LEU B 437 23.75 -22.44 -7.25
C LEU B 437 24.83 -21.53 -7.83
N THR B 438 24.81 -21.33 -9.17
CA THR B 438 25.80 -20.54 -9.93
C THR B 438 25.30 -19.15 -10.34
N TRP B 439 24.01 -18.88 -10.09
CA TRP B 439 23.43 -17.57 -10.36
C TRP B 439 23.91 -16.67 -9.21
N PRO B 440 23.98 -15.33 -9.38
CA PRO B 440 24.47 -14.51 -8.26
C PRO B 440 23.54 -14.53 -7.04
N LEU B 441 24.09 -14.20 -5.87
CA LEU B 441 23.35 -14.18 -4.61
C LEU B 441 22.11 -13.30 -4.61
N TRP B 442 22.14 -12.19 -5.40
CA TRP B 442 21.02 -11.25 -5.46
C TRP B 442 19.77 -11.90 -6.04
N MET B 443 19.94 -12.93 -6.89
CA MET B 443 18.83 -13.66 -7.49
C MET B 443 18.08 -14.54 -6.48
N GLY B 444 18.65 -14.70 -5.28
CA GLY B 444 18.08 -15.50 -4.19
C GLY B 444 17.79 -16.94 -4.59
N VAL B 445 16.53 -17.38 -4.39
CA VAL B 445 16.06 -18.71 -4.76
C VAL B 445 15.28 -18.49 -6.07
N PRO B 446 15.88 -18.59 -7.28
CA PRO B 446 15.10 -18.33 -8.51
C PRO B 446 14.14 -19.46 -8.84
N HIS B 447 13.21 -19.20 -9.79
CA HIS B 447 12.19 -20.10 -10.34
CA HIS B 447 12.20 -20.17 -10.18
C HIS B 447 12.84 -21.48 -10.68
N GLY B 448 12.27 -22.58 -10.21
CA GLY B 448 12.72 -23.91 -10.54
C GLY B 448 13.82 -24.49 -9.70
N TYR B 449 14.38 -23.71 -8.74
CA TYR B 449 15.51 -24.26 -7.97
C TYR B 449 15.11 -25.03 -6.68
N GLU B 450 13.85 -25.46 -6.62
CA GLU B 450 13.31 -26.32 -5.58
C GLU B 450 13.20 -27.75 -6.14
N ILE B 451 13.05 -27.87 -7.47
CA ILE B 451 12.82 -29.12 -8.19
C ILE B 451 13.84 -30.19 -7.82
N GLU B 452 15.15 -29.86 -7.85
CA GLU B 452 16.21 -30.82 -7.51
C GLU B 452 16.09 -31.42 -6.09
N PHE B 453 15.49 -30.67 -5.14
CA PHE B 453 15.22 -31.11 -3.77
C PHE B 453 14.01 -32.07 -3.72
N ILE B 454 12.87 -31.71 -4.36
CA ILE B 454 11.64 -32.52 -4.46
C ILE B 454 11.99 -33.87 -5.09
N PHE B 455 12.78 -33.87 -6.20
CA PHE B 455 13.20 -35.09 -6.93
C PHE B 455 14.25 -35.91 -6.17
N GLY B 456 14.87 -35.30 -5.16
CA GLY B 456 15.84 -35.97 -4.30
C GLY B 456 17.25 -36.09 -4.81
N LEU B 457 17.66 -35.17 -5.73
CA LEU B 457 19.02 -35.15 -6.24
C LEU B 457 20.07 -35.04 -5.11
N PRO B 458 19.90 -34.25 -4.01
CA PRO B 458 20.90 -34.26 -2.92
C PRO B 458 21.27 -35.63 -2.32
N LEU B 459 20.45 -36.67 -2.55
CA LEU B 459 20.74 -38.03 -2.10
C LEU B 459 21.91 -38.68 -2.83
N ASP B 460 22.26 -38.18 -4.03
CA ASP B 460 23.41 -38.67 -4.82
C ASP B 460 24.67 -38.00 -4.24
N PRO B 461 25.61 -38.77 -3.62
CA PRO B 461 26.76 -38.14 -2.96
C PRO B 461 27.73 -37.41 -3.88
N SER B 462 27.76 -37.82 -5.16
CA SER B 462 28.60 -37.22 -6.19
C SER B 462 28.14 -35.83 -6.63
N LEU B 463 26.95 -35.37 -6.17
CA LEU B 463 26.42 -34.07 -6.61
C LEU B 463 26.85 -32.86 -5.73
N ASN B 464 27.66 -33.11 -4.70
CA ASN B 464 28.29 -32.11 -3.85
C ASN B 464 27.30 -31.15 -3.12
N TYR B 465 26.13 -31.66 -2.66
CA TYR B 465 25.18 -30.91 -1.80
C TYR B 465 25.60 -31.14 -0.33
N THR B 466 25.19 -30.26 0.59
CA THR B 466 25.49 -30.40 2.02
C THR B 466 24.63 -31.50 2.68
N THR B 467 25.03 -31.97 3.88
CA THR B 467 24.30 -32.99 4.63
C THR B 467 22.90 -32.46 4.97
N GLU B 468 22.83 -31.16 5.38
CA GLU B 468 21.60 -30.45 5.72
C GLU B 468 20.61 -30.56 4.58
N GLU B 469 21.11 -30.32 3.34
CA GLU B 469 20.40 -30.39 2.07
C GLU B 469 19.92 -31.79 1.74
N ARG B 470 20.70 -32.82 2.11
CA ARG B 470 20.35 -34.23 1.88
C ARG B 470 19.14 -34.60 2.77
N ILE B 471 19.17 -34.18 4.08
CA ILE B 471 18.08 -34.39 5.06
C ILE B 471 16.83 -33.63 4.63
N PHE B 472 17.03 -32.42 4.09
CA PHE B 472 15.97 -31.53 3.62
C PHE B 472 15.28 -32.10 2.39
N ALA B 473 16.05 -32.67 1.44
CA ALA B 473 15.50 -33.32 0.25
C ALA B 473 14.63 -34.51 0.66
N GLN B 474 15.08 -35.28 1.69
CA GLN B 474 14.34 -36.45 2.17
C GLN B 474 12.99 -36.03 2.74
N ARG B 475 12.96 -34.83 3.37
CA ARG B 475 11.79 -34.22 3.97
C ARG B 475 10.77 -33.88 2.90
N LEU B 476 11.21 -33.22 1.82
CA LEU B 476 10.35 -32.78 0.71
C LEU B 476 9.82 -33.94 -0.09
N MET B 477 10.64 -34.98 -0.27
CA MET B 477 10.24 -36.21 -0.93
C MET B 477 9.11 -36.86 -0.14
N LYS B 478 9.18 -36.84 1.20
CA LYS B 478 8.14 -37.35 2.09
C LYS B 478 6.85 -36.49 2.01
N TYR B 479 6.95 -35.14 2.03
CA TYR B 479 5.77 -34.29 1.89
C TYR B 479 5.00 -34.62 0.59
N TRP B 480 5.73 -34.56 -0.55
CA TRP B 480 5.19 -34.79 -1.89
C TRP B 480 4.55 -36.17 -2.06
N THR B 481 5.23 -37.25 -1.60
CA THR B 481 4.75 -38.63 -1.73
C THR B 481 3.64 -38.93 -0.72
N ASN B 482 3.67 -38.32 0.48
CA ASN B 482 2.58 -38.47 1.43
C ASN B 482 1.33 -37.78 0.84
N PHE B 483 1.54 -36.62 0.18
CA PHE B 483 0.46 -35.91 -0.49
C PHE B 483 -0.12 -36.78 -1.61
N ALA B 484 0.75 -37.41 -2.43
CA ALA B 484 0.32 -38.28 -3.52
C ALA B 484 -0.47 -39.49 -2.97
N ARG B 485 0.00 -40.06 -1.85
CA ARG B 485 -0.61 -41.22 -1.25
C ARG B 485 -1.96 -40.92 -0.64
N THR B 486 -2.03 -39.83 0.15
CA THR B 486 -3.16 -39.56 1.02
C THR B 486 -3.95 -38.26 0.79
N GLY B 487 -3.40 -37.33 0.03
CA GLY B 487 -4.00 -36.01 -0.15
C GLY B 487 -3.63 -35.04 0.95
N ASP B 488 -2.69 -35.45 1.86
CA ASP B 488 -2.19 -34.71 3.01
C ASP B 488 -0.65 -34.84 3.04
N PRO B 489 0.14 -33.74 3.04
CA PRO B 489 1.60 -33.88 3.03
C PRO B 489 2.22 -34.28 4.38
N ASN B 490 1.40 -34.37 5.43
CA ASN B 490 1.83 -34.72 6.78
C ASN B 490 2.06 -36.21 6.93
N ASP B 491 3.02 -36.57 7.80
CA ASP B 491 3.37 -37.95 8.07
C ASP B 491 2.41 -38.52 9.13
N PRO B 492 1.60 -39.57 8.81
CA PRO B 492 0.69 -40.13 9.83
C PRO B 492 1.42 -40.84 10.98
N ARG B 493 2.62 -41.40 10.70
CA ARG B 493 3.46 -42.07 11.70
C ARG B 493 4.09 -41.06 12.67
N ASP B 494 4.54 -39.93 12.12
CA ASP B 494 5.17 -38.86 12.88
C ASP B 494 4.17 -37.97 13.59
N SER B 495 4.23 -38.04 14.92
CA SER B 495 3.54 -37.21 15.89
C SER B 495 4.59 -36.17 16.33
N LYS B 496 4.17 -34.88 16.44
CA LYS B 496 5.00 -33.68 16.66
C LYS B 496 5.71 -33.46 15.33
N SER B 497 5.46 -32.32 14.67
CA SER B 497 6.16 -32.12 13.41
C SER B 497 6.80 -30.69 13.24
N PRO B 498 6.14 -29.49 13.34
CA PRO B 498 4.70 -29.19 13.53
C PRO B 498 3.93 -29.58 12.29
N GLN B 499 2.60 -29.67 12.42
CA GLN B 499 1.75 -30.07 11.32
C GLN B 499 1.66 -29.00 10.26
N TRP B 500 1.43 -29.40 9.03
CA TRP B 500 1.22 -28.51 7.89
C TRP B 500 -0.33 -28.31 7.80
N PRO B 501 -0.86 -27.13 8.21
CA PRO B 501 -2.31 -26.92 8.14
C PRO B 501 -2.81 -26.67 6.72
N PRO B 502 -4.04 -27.11 6.38
CA PRO B 502 -4.58 -26.74 5.06
C PRO B 502 -4.77 -25.22 4.98
N TYR B 503 -4.56 -24.66 3.78
CA TYR B 503 -4.79 -23.25 3.45
C TYR B 503 -6.28 -23.06 3.36
N THR B 504 -6.78 -22.03 4.04
CA THR B 504 -8.20 -21.67 4.08
C THR B 504 -8.34 -20.20 3.79
N THR B 505 -9.52 -19.76 3.33
CA THR B 505 -9.80 -18.34 3.05
C THR B 505 -9.77 -17.53 4.35
N ALA B 506 -10.28 -18.10 5.47
CA ALA B 506 -10.27 -17.44 6.76
C ALA B 506 -8.87 -17.23 7.35
N ALA B 507 -8.11 -18.33 7.56
CA ALA B 507 -6.80 -18.32 8.23
C ALA B 507 -5.59 -18.11 7.31
N GLN B 508 -5.75 -18.29 6.00
CA GLN B 508 -4.72 -18.12 4.97
C GLN B 508 -3.34 -18.71 5.32
N GLN B 509 -3.34 -19.87 5.99
CA GLN B 509 -2.13 -20.53 6.46
C GLN B 509 -1.33 -21.26 5.40
N TYR B 510 -0.01 -21.07 5.44
CA TYR B 510 0.97 -21.73 4.56
C TYR B 510 2.22 -21.99 5.41
N VAL B 511 3.12 -22.81 4.92
CA VAL B 511 4.33 -23.14 5.66
C VAL B 511 5.59 -22.71 4.90
N SER B 512 6.71 -22.60 5.63
CA SER B 512 7.98 -22.28 4.99
C SER B 512 8.79 -23.56 4.86
N LEU B 513 9.26 -23.82 3.61
CA LEU B 513 10.10 -24.96 3.31
C LEU B 513 11.50 -24.41 3.16
N ASN B 514 12.31 -24.60 4.21
CA ASN B 514 13.71 -24.22 4.34
C ASN B 514 14.39 -25.25 5.21
N LEU B 515 15.68 -25.04 5.54
CA LEU B 515 16.45 -25.97 6.36
C LEU B 515 15.93 -26.12 7.80
N LYS B 516 15.25 -25.09 8.33
CA LYS B 516 14.65 -25.12 9.68
C LYS B 516 13.36 -25.97 9.66
N PRO B 517 12.87 -26.50 10.80
CA PRO B 517 11.60 -27.25 10.75
C PRO B 517 10.44 -26.37 10.29
N LEU B 518 9.34 -26.98 9.77
CA LEU B 518 8.16 -26.25 9.28
C LEU B 518 7.73 -25.12 10.22
N GLU B 519 7.47 -23.94 9.64
CA GLU B 519 6.97 -22.76 10.33
CA GLU B 519 6.97 -22.74 10.33
C GLU B 519 5.68 -22.39 9.60
N VAL B 520 4.59 -22.20 10.36
CA VAL B 520 3.28 -21.83 9.83
C VAL B 520 3.22 -20.30 9.82
N ARG B 521 2.89 -19.75 8.65
CA ARG B 521 2.73 -18.31 8.42
C ARG B 521 1.30 -18.06 7.93
N ARG B 522 0.82 -16.82 8.03
CA ARG B 522 -0.55 -16.50 7.61
C ARG B 522 -0.57 -15.36 6.61
N GLY B 523 -1.29 -15.56 5.53
CA GLY B 523 -1.45 -14.57 4.48
C GLY B 523 -0.28 -14.58 3.55
N LEU B 524 -0.52 -15.08 2.34
CA LEU B 524 0.49 -15.16 1.28
C LEU B 524 0.59 -13.81 0.60
N ARG B 525 1.48 -12.93 1.11
CA ARG B 525 1.71 -11.59 0.59
C ARG B 525 0.34 -10.85 0.42
N ALA B 526 -0.50 -10.93 1.48
CA ALA B 526 -1.89 -10.52 1.55
C ALA B 526 -2.18 -9.11 1.08
N GLN B 527 -1.48 -8.09 1.61
CA GLN B 527 -1.69 -6.68 1.21
C GLN B 527 -1.33 -6.44 -0.25
N THR B 528 -0.14 -6.90 -0.66
CA THR B 528 0.36 -6.78 -2.03
C THR B 528 -0.53 -7.51 -3.04
N CYS B 529 -0.96 -8.75 -2.74
CA CYS B 529 -1.82 -9.47 -3.68
C CYS B 529 -3.23 -8.90 -3.71
N ALA B 530 -3.68 -8.20 -2.68
CA ALA B 530 -4.96 -7.47 -2.72
C ALA B 530 -4.83 -6.39 -3.82
N PHE B 531 -3.64 -5.74 -3.92
CA PHE B 531 -3.32 -4.75 -4.94
C PHE B 531 -3.43 -5.35 -6.35
N TRP B 532 -2.72 -6.47 -6.62
CA TRP B 532 -2.75 -7.13 -7.93
C TRP B 532 -4.06 -7.78 -8.30
N ASN B 533 -4.70 -8.45 -7.35
CA ASN B 533 -5.91 -9.24 -7.55
C ASN B 533 -7.22 -8.48 -7.42
N ARG B 534 -7.26 -7.39 -6.65
CA ARG B 534 -8.49 -6.64 -6.51
C ARG B 534 -8.41 -5.25 -7.10
N PHE B 535 -7.32 -4.52 -6.84
CA PHE B 535 -7.24 -3.14 -7.29
C PHE B 535 -6.88 -3.00 -8.75
N LEU B 536 -5.67 -3.43 -9.16
CA LEU B 536 -5.23 -3.29 -10.55
C LEU B 536 -6.26 -3.70 -11.62
N PRO B 537 -7.04 -4.82 -11.49
CA PRO B 537 -8.05 -5.09 -12.53
C PRO B 537 -9.06 -3.94 -12.67
N LYS B 538 -9.46 -3.29 -11.54
CA LYS B 538 -10.38 -2.14 -11.54
C LYS B 538 -9.76 -0.92 -12.20
N LEU B 539 -8.42 -0.87 -12.22
CA LEU B 539 -7.67 0.24 -12.81
C LEU B 539 -7.57 0.14 -14.32
N LEU B 540 -7.35 -1.08 -14.84
CA LEU B 540 -7.28 -1.37 -16.27
C LEU B 540 -8.69 -1.57 -16.90
N SER B 541 -9.77 -1.75 -16.07
CA SER B 541 -11.15 -1.93 -16.53
C SER B 541 -11.90 -0.61 -16.70
N ALA B 542 -12.15 0.12 -15.57
CA ALA B 542 -12.83 1.42 -15.50
C ALA B 542 -12.14 2.50 -16.35
N THR B 543 -10.81 2.35 -16.58
CA THR B 543 -9.99 3.27 -17.38
C THR B 543 -9.13 2.48 -18.41
N20 TZ2 C . -13.26 20.99 14.49
N19 TZ2 C . -14.16 21.48 15.32
N18 TZ2 C . -14.40 20.86 16.36
C28 TZ2 C . -15.39 21.47 17.20
C29 TZ2 C . -15.26 20.80 18.54
N7 TZ2 C . -14.18 21.40 19.28
C30 TZ2 C . -13.03 20.73 19.41
C39 TZ2 C . -11.76 21.39 19.06
C40 TZ2 C . -11.79 22.86 18.66
C41 TZ2 C . -10.40 23.35 18.25
C42 TZ2 C . -9.28 22.71 19.02
C38 TZ2 C . -9.18 21.22 18.73
C37 TZ2 C . -10.49 20.60 19.16
N8 TZ2 C . -10.50 19.32 19.62
C33 TZ2 C . -11.63 18.64 19.94
C31 TZ2 C . -12.97 19.29 19.87
C34 TZ2 C . -11.55 17.33 20.36
C35 TZ2 C . -12.70 16.65 20.74
C36 TZ2 C . -13.95 17.26 20.75
C32 TZ2 C . -14.10 18.56 20.26
C29 PZ5 D . -25.46 17.77 2.89
C28 PZ5 D . -24.57 18.00 3.78
C27 PZ5 D . -23.53 18.28 4.79
C26 PZ5 D . -23.40 17.16 5.82
C25 PZ5 D . -22.26 17.38 6.83
C21 PZ5 D . -22.54 18.46 7.89
C20 PZ5 D . -23.27 17.93 9.13
N2 PZ5 D . -23.88 18.96 10.01
C7 PZ5 D . -25.26 19.37 9.79
C8 PZ5 D . -26.05 18.91 8.59
C13 PZ5 D . -26.86 17.76 8.65
C12 PZ5 D . -27.61 17.37 7.52
C11 PZ5 D . -27.58 18.12 6.34
C10 PZ5 D . -26.78 19.28 6.28
C9 PZ5 D . -26.04 19.67 7.40
C14 PZ5 D . -25.90 20.34 10.76
C16 PZ5 D . -25.14 20.83 11.95
C17 PZ5 D . -25.72 21.76 12.83
C18 PZ5 D . -27.01 22.23 12.56
C19 PZ5 D . -27.75 21.78 11.46
N3 PZ5 D . -29.02 22.20 11.30
C15 PZ5 D . -27.20 20.85 10.56
C4 PZ5 D . -23.75 20.33 12.15
C6 PZ5 D . -23.18 19.38 11.11
C3 PZ5 D . -22.96 20.76 13.23
C2 PZ5 D . -21.65 20.29 13.37
C1 PZ5 D . -21.11 19.42 12.43
N1 PZ5 D . -19.83 19.01 12.49
C5 PZ5 D . -21.87 18.95 11.35
C ACT E . -10.27 22.12 13.86
O ACT E . -10.63 21.86 15.03
OXT ACT E . -9.76 23.25 13.73
CH3 ACT E . -10.41 21.13 12.71
N20 TZ2 F . 10.51 -19.19 -18.61
N19 TZ2 F . 11.47 -19.78 -19.29
N18 TZ2 F . 12.34 -20.49 -18.75
C28 TZ2 F . 13.35 -21.04 -19.62
C29 TZ2 F . 14.69 -20.66 -19.02
N7 TZ2 F . 15.22 -21.81 -18.29
C30 TZ2 F . 14.86 -21.96 -17.00
C39 TZ2 F . 13.68 -22.78 -16.55
C40 TZ2 F . 12.91 -23.66 -17.51
C41 TZ2 F . 11.61 -24.15 -16.87
C42 TZ2 F . 11.76 -24.68 -15.45
C38 TZ2 F . 12.17 -23.57 -14.52
C37 TZ2 F . 13.36 -22.80 -15.08
N8 TZ2 F . 14.09 -22.09 -14.21
C33 TZ2 F . 15.15 -21.29 -14.55
C31 TZ2 F . 15.60 -21.19 -15.97
C34 TZ2 F . 15.86 -20.59 -13.57
C35 TZ2 F . 16.99 -19.84 -13.92
C36 TZ2 F . 17.41 -19.77 -15.25
C32 TZ2 F . 16.72 -20.42 -16.28
C ACT G . 8.42 -21.21 -17.14
O ACT G . 7.71 -22.23 -17.33
OXT ACT G . 9.65 -21.41 -17.18
CH3 ACT G . 7.85 -19.84 -16.86
O1 P6G H . 2.72 -0.61 0.21
C2 P6G H . 1.78 0.29 -0.05
C3 P6G H . 2.12 1.45 -0.61
O4 P6G H . 1.13 2.46 -0.92
C5 P6G H . 1.52 3.58 -1.76
C6 P6G H . 1.00 3.77 -2.97
O7 P6G H . 0.00 2.88 -3.54
C8 P6G H . -0.45 3.12 -4.89
C9 P6G H . -1.55 2.15 -5.33
O10 P6G H . -2.40 1.81 -4.23
C11 P6G H . -3.82 1.59 -4.43
C12 P6G H . -4.49 0.63 -3.78
O13 P6G H . -3.89 -0.31 -2.83
C14 P6G H . -4.53 -1.60 -2.54
C15 P6G H . -3.99 -2.50 -1.71
O16 P6G H . -2.70 -2.28 -1.05
C17 P6G H . -2.52 -2.39 0.40
C18 P6G H . -1.60 -1.63 1.01
O19 P6G H . -1.41 -1.68 2.33
#